data_7D6R
#
_entry.id   7D6R
#
_cell.length_a   146.489
_cell.length_b   146.489
_cell.length_c   60.162
_cell.angle_alpha   90.000
_cell.angle_beta   90.000
_cell.angle_gamma   120.000
#
_symmetry.space_group_name_H-M   'P 61'
#
loop_
_entity.id
_entity.type
_entity.pdbx_description
1 polymer 'rRNA N-glycosylase'
2 polymer 'Shiga toxin 2 B subunit'
3 polymer 'MMA betaAla peptide'
4 non-polymer 3-PYRIDINIUM-1-YLPROPANE-1-SULFONATE
5 water water
#
loop_
_entity_poly.entity_id
_entity_poly.type
_entity_poly.pdbx_seq_one_letter_code
_entity_poly.pdbx_strand_id
1 'polypeptide(L)'
;REFTIDFSTQQSYVSSLNSIRTEISTPLEHISQGTTSVSVINHTPPGSYFAVDIRGLDVYQARFDHLRLIIEQNNLYVAG
FVNTATNTFYRFSDFTHISVPGVTTVSMTTDSSYTTLQRVAALERSGMQISRHSLVSSYLALMEFSGNTMTRDASRAVLR
FVTVTAEALRFRQIQREFRQALSETAPVYTMTPGDVDLTLNWGRISNVLPEYRGEDGVRVGRISFNNISAILGTVAVILN
CHHQGARSVRAVNEESQPECQITGDRPVIKINNTLWESNTAAAFLNRKSQFLYTTGK
;
A
2 'polypeptide(L)' ADCAKGKIEFSKYNEDDTFTVKVDGKEYWTSRWNLQPLLQSAQLTGMTVTIKSSTCESGSGFAEVQFNND B,C,D,E,F
3 'polypeptide(L)' MAMM(BAL)RRRRA(NH2) G
#
loop_
_chem_comp.id
_chem_comp.type
_chem_comp.name
_chem_comp.formula
1PS non-polymer 3-PYRIDINIUM-1-YLPROPANE-1-SULFONATE 'C8 H11 N O3 S'
BAL peptide-like BETA-ALANINE 'C3 H7 N O2'
NH2 non-polymer 'AMINO GROUP' 'H2 N'
#
# COMPACT_ATOMS: atom_id res chain seq x y z
N ARG A 1 -22.15 10.50 24.33
CA ARG A 1 -22.20 11.93 24.04
C ARG A 1 -22.92 12.19 22.73
N GLU A 2 -23.52 13.36 22.59
CA GLU A 2 -24.14 13.77 21.35
C GLU A 2 -23.54 15.09 20.89
N PHE A 3 -23.27 15.17 19.59
CA PHE A 3 -22.75 16.36 18.96
C PHE A 3 -23.67 16.74 17.80
N THR A 4 -23.55 17.98 17.35
CA THR A 4 -24.25 18.45 16.17
C THR A 4 -23.23 18.76 15.08
N ILE A 5 -23.51 18.34 13.85
CA ILE A 5 -22.80 18.85 12.69
C ILE A 5 -23.77 19.76 11.94
N ASP A 6 -23.48 21.06 11.93
CA ASP A 6 -24.36 22.08 11.38
C ASP A 6 -23.83 22.47 10.00
N PHE A 7 -24.60 22.18 8.96
CA PHE A 7 -24.22 22.44 7.58
C PHE A 7 -24.62 23.82 7.10
N SER A 8 -24.98 24.73 8.01
CA SER A 8 -25.51 26.04 7.59
C SER A 8 -24.49 26.82 6.76
N THR A 9 -23.25 26.89 7.23
CA THR A 9 -22.19 27.65 6.57
C THR A 9 -20.89 26.87 6.69
N GLN A 10 -19.87 27.32 5.96
CA GLN A 10 -18.56 26.69 6.13
C GLN A 10 -18.05 26.85 7.56
N GLN A 11 -18.26 28.04 8.14
CA GLN A 11 -17.89 28.26 9.55
C GLN A 11 -18.59 27.27 10.47
N SER A 12 -19.92 27.14 10.35
CA SER A 12 -20.64 26.27 11.28
C SER A 12 -20.21 24.80 11.12
N TYR A 13 -19.95 24.40 9.89
CA TYR A 13 -19.54 23.02 9.59
C TYR A 13 -18.17 22.72 10.17
N VAL A 14 -17.17 23.56 9.86
CA VAL A 14 -15.83 23.32 10.38
C VAL A 14 -15.83 23.42 11.90
N SER A 15 -16.57 24.38 12.47
CA SER A 15 -16.61 24.49 13.92
C SER A 15 -17.17 23.23 14.54
N SER A 16 -18.21 22.64 13.92
CA SER A 16 -18.80 21.39 14.40
C SER A 16 -17.76 20.28 14.42
N LEU A 17 -17.04 20.13 13.31
CA LEU A 17 -16.06 19.04 13.24
C LEU A 17 -14.95 19.25 14.26
N ASN A 18 -14.48 20.50 14.42
CA ASN A 18 -13.39 20.77 15.35
C ASN A 18 -13.81 20.46 16.78
N SER A 19 -15.06 20.77 17.14
CA SER A 19 -15.55 20.46 18.48
C SER A 19 -15.57 18.95 18.74
N ILE A 20 -16.04 18.18 17.75
CA ILE A 20 -16.02 16.72 17.91
C ILE A 20 -14.58 16.24 18.13
N ARG A 21 -13.67 16.68 17.27
CA ARG A 21 -12.28 16.23 17.37
C ARG A 21 -11.69 16.57 18.73
N THR A 22 -11.97 17.77 19.24
CA THR A 22 -11.42 18.13 20.54
C THR A 22 -11.92 17.20 21.63
N GLU A 23 -13.19 16.81 21.56
CA GLU A 23 -13.75 15.98 22.64
C GLU A 23 -13.25 14.54 22.58
N ILE A 24 -13.05 13.98 21.38
CA ILE A 24 -12.82 12.54 21.28
C ILE A 24 -11.36 12.17 21.04
N SER A 25 -10.44 13.14 20.92
CA SER A 25 -9.08 12.81 20.53
C SER A 25 -8.08 13.78 21.17
N THR A 26 -6.79 13.41 21.10
CA THR A 26 -5.70 14.13 21.73
C THR A 26 -4.59 14.38 20.72
N PRO A 27 -4.06 15.59 20.61
CA PRO A 27 -3.06 15.88 19.56
C PRO A 27 -1.77 15.09 19.72
N LEU A 28 -1.20 14.70 18.57
CA LEU A 28 0.17 14.21 18.55
C LEU A 28 1.14 15.33 18.91
N GLU A 29 2.08 15.03 19.81
CA GLU A 29 3.09 16.02 20.20
C GLU A 29 3.84 16.57 19.00
N HIS A 30 4.19 15.72 18.03
CA HIS A 30 5.06 16.15 16.95
C HIS A 30 4.33 16.54 15.68
N ILE A 31 2.99 16.52 15.68
CA ILE A 31 2.22 17.00 14.54
C ILE A 31 1.09 17.89 15.05
N SER A 32 1.45 19.06 15.55
CA SER A 32 0.50 19.95 16.18
C SER A 32 0.99 21.38 16.01
N GLN A 33 0.12 22.25 15.49
CA GLN A 33 0.40 23.69 15.40
C GLN A 33 -0.80 24.44 15.94
N GLY A 34 -0.57 25.33 16.92
CA GLY A 34 -1.74 25.98 17.52
C GLY A 34 -2.69 24.93 18.05
N THR A 35 -3.97 25.08 17.71
CA THR A 35 -4.99 24.10 18.07
C THR A 35 -5.40 23.25 16.90
N THR A 36 -4.57 23.15 15.87
CA THR A 36 -4.84 22.33 14.69
C THR A 36 -3.78 21.24 14.64
N SER A 37 -4.21 19.97 14.69
N SER A 37 -4.22 19.98 14.63
CA SER A 37 -3.24 18.89 14.80
CA SER A 37 -3.27 18.89 14.79
C SER A 37 -3.73 17.65 14.07
C SER A 37 -3.73 17.65 14.03
N VAL A 38 -2.85 16.64 14.03
CA VAL A 38 -3.25 15.26 13.83
C VAL A 38 -3.44 14.72 15.23
N SER A 39 -4.64 14.24 15.54
N SER A 39 -4.63 14.20 15.52
CA SER A 39 -4.98 13.77 16.88
CA SER A 39 -4.98 13.76 16.87
C SER A 39 -5.29 12.28 16.85
C SER A 39 -5.36 12.29 16.87
N VAL A 40 -5.06 11.64 18.00
CA VAL A 40 -5.28 10.21 18.18
C VAL A 40 -6.56 10.03 18.97
N ILE A 41 -7.46 9.15 18.49
CA ILE A 41 -8.71 8.89 19.20
C ILE A 41 -8.43 8.36 20.60
N ASN A 42 -9.01 9.01 21.60
CA ASN A 42 -8.86 8.54 22.98
C ASN A 42 -9.46 7.15 23.14
N HIS A 43 -8.80 6.31 23.93
CA HIS A 43 -9.32 4.96 24.12
C HIS A 43 -10.69 5.00 24.78
N THR A 44 -11.60 4.19 24.24
CA THR A 44 -12.92 3.94 24.81
C THR A 44 -13.17 2.44 24.71
N PRO A 45 -14.07 1.90 25.53
CA PRO A 45 -14.33 0.47 25.46
C PRO A 45 -15.00 0.10 24.15
N PRO A 46 -14.82 -1.13 23.67
CA PRO A 46 -15.48 -1.54 22.42
C PRO A 46 -16.99 -1.43 22.55
N GLY A 47 -17.63 -0.94 21.49
CA GLY A 47 -19.05 -0.70 21.49
C GLY A 47 -19.49 0.68 21.90
N SER A 48 -18.57 1.49 22.47
CA SER A 48 -18.89 2.87 22.76
C SER A 48 -19.16 3.64 21.48
N TYR A 49 -20.17 4.51 21.51
CA TYR A 49 -20.52 5.32 20.36
C TYR A 49 -20.79 6.75 20.79
N PHE A 50 -20.76 7.66 19.83
CA PHE A 50 -21.36 8.97 20.02
C PHE A 50 -22.39 9.22 18.92
N ALA A 51 -23.33 10.10 19.23
CA ALA A 51 -24.38 10.46 18.30
C ALA A 51 -24.07 11.79 17.62
N VAL A 52 -24.45 11.92 16.35
CA VAL A 52 -24.31 13.16 15.59
C VAL A 52 -25.67 13.57 15.06
N ASP A 53 -26.17 14.71 15.52
CA ASP A 53 -27.40 15.26 14.98
C ASP A 53 -27.10 16.11 13.75
N ILE A 54 -27.80 15.85 12.65
CA ILE A 54 -27.59 16.60 11.41
C ILE A 54 -28.48 17.84 11.42
N ARG A 55 -27.86 19.01 11.22
CA ARG A 55 -28.59 20.28 11.23
C ARG A 55 -28.10 21.17 10.10
N GLY A 56 -28.88 22.20 9.79
CA GLY A 56 -28.44 23.22 8.86
C GLY A 56 -28.47 22.84 7.39
N LEU A 57 -29.13 21.74 7.02
CA LEU A 57 -29.24 21.42 5.60
C LEU A 57 -29.95 22.52 4.83
N ASP A 58 -31.01 23.08 5.42
CA ASP A 58 -31.57 24.37 5.02
C ASP A 58 -30.97 25.39 5.98
N VAL A 59 -30.17 26.31 5.44
CA VAL A 59 -29.29 27.17 6.21
C VAL A 59 -29.99 27.81 7.41
N TYR A 60 -29.52 27.49 8.60
CA TYR A 60 -29.91 28.11 9.87
C TYR A 60 -31.40 27.95 10.17
N GLN A 61 -32.07 26.97 9.57
CA GLN A 61 -33.49 26.72 9.77
C GLN A 61 -33.69 25.40 10.52
N ALA A 62 -34.63 25.41 11.46
CA ALA A 62 -34.99 24.22 12.22
C ALA A 62 -35.97 23.38 11.39
N ARG A 63 -35.43 22.79 10.33
CA ARG A 63 -36.15 21.83 9.51
C ARG A 63 -35.13 20.82 8.98
N PHE A 64 -35.64 19.79 8.33
CA PHE A 64 -34.81 18.65 7.96
C PHE A 64 -33.96 18.22 9.15
N ASP A 65 -34.59 18.13 10.32
CA ASP A 65 -33.86 18.02 11.57
C ASP A 65 -34.14 16.72 12.32
N HIS A 66 -34.51 15.65 11.60
CA HIS A 66 -34.84 14.39 12.25
C HIS A 66 -33.83 13.27 11.99
N LEU A 67 -32.63 13.59 11.49
CA LEU A 67 -31.64 12.57 11.19
C LEU A 67 -30.50 12.62 12.21
N ARG A 68 -30.16 11.46 12.77
CA ARG A 68 -29.02 11.33 13.67
C ARG A 68 -28.17 10.17 13.19
N LEU A 69 -26.84 10.33 13.20
CA LEU A 69 -25.95 9.22 12.88
C LEU A 69 -25.37 8.64 14.16
N ILE A 70 -25.20 7.32 14.20
CA ILE A 70 -24.57 6.66 15.34
C ILE A 70 -23.17 6.26 14.91
N ILE A 71 -22.14 6.74 15.63
CA ILE A 71 -20.75 6.59 15.21
C ILE A 71 -19.98 5.84 16.28
N GLU A 72 -19.41 4.69 15.93
CA GLU A 72 -18.57 3.95 16.87
C GLU A 72 -17.32 4.77 17.15
N GLN A 73 -17.03 5.01 18.43
CA GLN A 73 -16.08 6.05 18.79
C GLN A 73 -14.65 5.66 18.46
N ASN A 74 -14.26 4.40 18.73
CA ASN A 74 -12.87 4.02 18.54
C ASN A 74 -12.41 4.03 17.09
N ASN A 75 -13.32 3.91 16.13
CA ASN A 75 -12.92 3.79 14.73
C ASN A 75 -13.66 4.75 13.81
N LEU A 76 -14.59 5.55 14.33
CA LEU A 76 -15.34 6.55 13.57
C LEU A 76 -16.22 5.92 12.48
N TYR A 77 -16.52 4.63 12.56
CA TYR A 77 -17.45 4.03 11.61
C TYR A 77 -18.87 4.44 11.93
N VAL A 78 -19.64 4.79 10.90
CA VAL A 78 -21.08 4.96 11.05
C VAL A 78 -21.71 3.58 11.21
N ALA A 79 -22.31 3.33 12.38
CA ALA A 79 -22.97 2.06 12.68
C ALA A 79 -24.38 2.01 12.13
N GLY A 80 -24.95 3.17 11.82
CA GLY A 80 -26.29 3.25 11.28
C GLY A 80 -26.85 4.64 11.51
N PHE A 81 -28.16 4.77 11.30
CA PHE A 81 -28.81 6.07 11.35
C PHE A 81 -30.14 5.97 12.08
N VAL A 82 -30.50 7.05 12.76
CA VAL A 82 -31.70 7.15 13.57
C VAL A 82 -32.64 8.15 12.93
N ASN A 83 -33.88 7.72 12.71
CA ASN A 83 -35.00 8.60 12.43
C ASN A 83 -35.59 9.00 13.77
N THR A 84 -35.37 10.26 14.17
CA THR A 84 -35.81 10.70 15.49
C THR A 84 -37.29 10.99 15.52
N ALA A 85 -37.94 11.12 14.36
CA ALA A 85 -39.39 11.26 14.35
C ALA A 85 -40.07 9.95 14.73
N THR A 86 -39.61 8.85 14.14
CA THR A 86 -40.16 7.53 14.45
C THR A 86 -39.40 6.82 15.57
N ASN A 87 -38.32 7.41 16.07
CA ASN A 87 -37.50 6.81 17.12
C ASN A 87 -36.98 5.44 16.70
N THR A 88 -36.43 5.35 15.49
CA THR A 88 -35.99 4.07 14.94
C THR A 88 -34.52 4.13 14.53
N PHE A 89 -33.74 3.16 15.00
CA PHE A 89 -32.31 3.05 14.70
C PHE A 89 -32.12 1.93 13.68
N TYR A 90 -31.74 2.30 12.45
CA TYR A 90 -31.41 1.33 11.40
C TYR A 90 -29.91 1.05 11.46
N ARG A 91 -29.56 -0.18 11.82
CA ARG A 91 -28.20 -0.55 12.23
C ARG A 91 -27.63 -1.54 11.22
N PHE A 92 -26.42 -1.26 10.74
CA PHE A 92 -25.77 -2.14 9.77
C PHE A 92 -25.40 -3.47 10.42
N SER A 93 -25.28 -4.50 9.58
CA SER A 93 -25.14 -5.86 10.09
C SER A 93 -23.80 -6.07 10.79
N ASP A 94 -22.79 -5.25 10.52
CA ASP A 94 -21.49 -5.38 11.18
C ASP A 94 -21.40 -4.62 12.48
N PHE A 95 -22.55 -4.18 13.04
CA PHE A 95 -22.55 -3.42 14.28
C PHE A 95 -23.56 -3.95 15.28
N THR A 96 -23.77 -5.28 15.30
CA THR A 96 -24.70 -5.83 16.27
C THR A 96 -24.23 -5.66 17.71
N HIS A 97 -22.97 -5.28 17.91
CA HIS A 97 -22.44 -5.02 19.25
C HIS A 97 -22.72 -3.61 19.73
N ILE A 98 -23.32 -2.74 18.90
CA ILE A 98 -23.63 -1.37 19.27
C ILE A 98 -25.10 -1.33 19.67
N SER A 99 -25.37 -1.07 20.95
CA SER A 99 -26.73 -0.98 21.44
C SER A 99 -27.02 0.44 21.87
N VAL A 100 -28.14 0.98 21.40
CA VAL A 100 -28.57 2.35 21.68
C VAL A 100 -29.84 2.27 22.51
N PRO A 101 -29.82 2.69 23.78
CA PRO A 101 -31.04 2.62 24.59
C PRO A 101 -32.10 3.61 24.11
N GLY A 102 -33.36 3.25 24.33
CA GLY A 102 -34.46 4.17 24.12
C GLY A 102 -35.02 4.23 22.71
N VAL A 103 -34.47 3.47 21.77
CA VAL A 103 -34.92 3.47 20.38
C VAL A 103 -35.37 2.08 20.01
N THR A 104 -36.16 2.00 18.95
CA THR A 104 -36.43 0.72 18.31
C THR A 104 -35.28 0.42 17.36
N THR A 105 -34.59 -0.71 17.57
CA THR A 105 -33.44 -1.06 16.74
C THR A 105 -33.90 -2.02 15.65
N VAL A 106 -33.67 -1.62 14.41
CA VAL A 106 -33.88 -2.47 13.24
C VAL A 106 -32.50 -2.98 12.81
N SER A 107 -32.26 -4.27 13.00
CA SER A 107 -30.99 -4.86 12.59
C SER A 107 -31.06 -5.16 11.10
N MET A 108 -30.15 -4.57 10.33
CA MET A 108 -30.28 -4.70 8.88
C MET A 108 -29.49 -5.92 8.37
N THR A 109 -29.91 -6.39 7.19
CA THR A 109 -29.16 -7.43 6.49
C THR A 109 -27.92 -6.87 5.81
N THR A 110 -27.92 -5.56 5.53
CA THR A 110 -26.85 -4.92 4.78
C THR A 110 -25.68 -4.59 5.69
N ASP A 111 -24.46 -4.90 5.24
CA ASP A 111 -23.27 -4.48 5.97
C ASP A 111 -22.81 -3.10 5.49
N SER A 112 -21.95 -2.47 6.30
CA SER A 112 -21.55 -1.08 6.06
C SER A 112 -20.33 -0.92 5.17
N SER A 113 -19.80 -2.00 4.58
CA SER A 113 -18.62 -1.86 3.73
C SER A 113 -18.92 -0.93 2.56
N TYR A 114 -17.90 -0.16 2.16
CA TYR A 114 -18.05 0.63 0.94
C TYR A 114 -18.33 -0.26 -0.27
N THR A 115 -17.79 -1.47 -0.30
CA THR A 115 -18.08 -2.36 -1.43
C THR A 115 -19.59 -2.64 -1.53
N THR A 116 -20.19 -3.05 -0.41
CA THR A 116 -21.63 -3.30 -0.39
C THR A 116 -22.43 -2.04 -0.68
N LEU A 117 -22.09 -0.92 -0.02
CA LEU A 117 -22.88 0.28 -0.20
C LEU A 117 -22.82 0.79 -1.64
N GLN A 118 -21.64 0.74 -2.26
CA GLN A 118 -21.52 1.18 -3.64
C GLN A 118 -22.29 0.25 -4.58
N ARG A 119 -22.28 -1.05 -4.29
CA ARG A 119 -23.05 -1.97 -5.14
C ARG A 119 -24.54 -1.70 -5.04
N VAL A 120 -25.07 -1.60 -3.82
CA VAL A 120 -26.50 -1.37 -3.64
C VAL A 120 -26.89 0.01 -4.16
N ALA A 121 -26.01 0.99 -3.99
CA ALA A 121 -26.28 2.34 -4.47
C ALA A 121 -26.14 2.48 -5.97
N ALA A 122 -25.49 1.52 -6.64
CA ALA A 122 -25.06 1.69 -8.03
C ALA A 122 -24.41 3.07 -8.22
N LEU A 123 -23.46 3.36 -7.34
CA LEU A 123 -22.79 4.65 -7.31
C LEU A 123 -21.38 4.43 -6.78
N GLU A 124 -20.38 4.76 -7.58
CA GLU A 124 -18.99 4.69 -7.15
C GLU A 124 -18.62 6.01 -6.47
N ARG A 125 -17.80 5.90 -5.42
CA ARG A 125 -17.37 7.09 -4.68
C ARG A 125 -16.44 7.96 -5.52
N SER A 126 -15.59 7.35 -6.34
CA SER A 126 -14.71 8.13 -7.20
C SER A 126 -15.54 8.82 -8.26
N GLY A 127 -15.62 10.15 -8.19
CA GLY A 127 -16.48 10.90 -9.07
C GLY A 127 -17.84 11.22 -8.49
N MET A 128 -18.15 10.73 -7.29
CA MET A 128 -19.43 11.03 -6.67
C MET A 128 -19.54 12.52 -6.37
N GLN A 129 -20.69 13.10 -6.66
CA GLN A 129 -20.93 14.51 -6.43
C GLN A 129 -21.78 14.69 -5.18
N ILE A 130 -21.44 15.71 -4.39
CA ILE A 130 -22.19 16.08 -3.19
C ILE A 130 -22.44 17.57 -3.23
N SER A 131 -23.70 17.97 -3.11
CA SER A 131 -24.09 19.37 -2.99
C SER A 131 -25.03 19.51 -1.80
N ARG A 132 -25.33 20.76 -1.43
CA ARG A 132 -26.38 20.94 -0.43
C ARG A 132 -27.68 20.29 -0.90
N HIS A 133 -28.03 20.47 -2.18
CA HIS A 133 -29.26 19.87 -2.69
C HIS A 133 -29.24 18.35 -2.56
N SER A 134 -28.12 17.70 -2.91
CA SER A 134 -28.09 16.25 -2.80
C SER A 134 -28.04 15.78 -1.35
N LEU A 135 -27.58 16.62 -0.41
CA LEU A 135 -27.68 16.25 0.99
C LEU A 135 -29.12 16.35 1.48
N VAL A 136 -29.89 17.32 0.99
CA VAL A 136 -31.32 17.36 1.31
C VAL A 136 -32.02 16.13 0.76
N SER A 137 -31.71 15.77 -0.50
CA SER A 137 -32.29 14.56 -1.09
C SER A 137 -31.90 13.31 -0.30
N SER A 138 -30.63 13.23 0.13
CA SER A 138 -30.18 12.12 0.95
C SER A 138 -30.96 12.07 2.27
N TYR A 139 -31.15 13.22 2.90
CA TYR A 139 -31.90 13.26 4.14
C TYR A 139 -33.30 12.70 3.94
N LEU A 140 -33.99 13.15 2.88
CA LEU A 140 -35.35 12.71 2.63
C LEU A 140 -35.40 11.22 2.34
N ALA A 141 -34.41 10.70 1.62
CA ALA A 141 -34.34 9.26 1.36
C ALA A 141 -34.22 8.48 2.67
N LEU A 142 -33.39 8.96 3.60
CA LEU A 142 -33.23 8.23 4.84
C LEU A 142 -34.47 8.34 5.73
N MET A 143 -35.19 9.46 5.65
CA MET A 143 -36.40 9.58 6.45
C MET A 143 -37.54 8.76 5.88
N GLU A 144 -37.53 8.53 4.56
CA GLU A 144 -38.53 7.67 3.93
C GLU A 144 -38.19 6.19 4.07
N PHE A 145 -36.95 5.87 4.40
CA PHE A 145 -36.52 4.48 4.44
C PHE A 145 -37.23 3.72 5.53
N SER A 146 -37.58 2.47 5.24
CA SER A 146 -38.08 1.55 6.24
C SER A 146 -37.63 0.16 5.85
N GLY A 147 -37.68 -0.75 6.81
CA GLY A 147 -37.33 -2.13 6.54
C GLY A 147 -35.91 -2.46 6.97
N ASN A 148 -35.57 -3.73 6.79
CA ASN A 148 -34.32 -4.32 7.25
C ASN A 148 -33.25 -4.37 6.16
N THR A 149 -33.53 -3.96 4.93
CA THR A 149 -32.57 -4.10 3.85
C THR A 149 -32.41 -2.77 3.11
N MET A 150 -31.16 -2.29 3.02
CA MET A 150 -30.91 -0.99 2.39
C MET A 150 -31.38 -0.99 0.95
N THR A 151 -32.00 0.12 0.55
CA THR A 151 -32.40 0.39 -0.82
C THR A 151 -31.30 1.17 -1.53
N ARG A 152 -31.45 1.31 -2.85
CA ARG A 152 -30.48 2.09 -3.62
C ARG A 152 -30.36 3.52 -3.10
N ASP A 153 -31.51 4.21 -2.93
CA ASP A 153 -31.44 5.62 -2.56
C ASP A 153 -30.97 5.82 -1.12
N ALA A 154 -31.33 4.91 -0.21
CA ALA A 154 -30.79 4.97 1.15
C ALA A 154 -29.28 4.76 1.15
N SER A 155 -28.79 3.85 0.29
CA SER A 155 -27.35 3.63 0.23
C SER A 155 -26.61 4.83 -0.35
N ARG A 156 -27.17 5.47 -1.38
CA ARG A 156 -26.56 6.70 -1.89
C ARG A 156 -26.51 7.75 -0.80
N ALA A 157 -27.59 7.87 -0.03
CA ALA A 157 -27.63 8.82 1.08
C ALA A 157 -26.53 8.53 2.10
N VAL A 158 -26.35 7.26 2.46
CA VAL A 158 -25.31 6.94 3.44
C VAL A 158 -23.92 7.23 2.86
N LEU A 159 -23.69 6.94 1.58
CA LEU A 159 -22.38 7.25 1.00
C LEU A 159 -22.08 8.75 1.14
N ARG A 160 -23.07 9.60 0.83
CA ARG A 160 -22.85 11.04 0.89
C ARG A 160 -22.65 11.50 2.34
N PHE A 161 -23.50 11.02 3.26
CA PHE A 161 -23.40 11.51 4.63
C PHE A 161 -22.15 11.01 5.34
N VAL A 162 -21.71 9.77 5.06
CA VAL A 162 -20.49 9.30 5.71
C VAL A 162 -19.30 10.11 5.22
N THR A 163 -19.28 10.44 3.91
CA THR A 163 -18.17 11.21 3.37
C THR A 163 -18.05 12.55 4.08
N VAL A 164 -19.17 13.25 4.28
CA VAL A 164 -19.09 14.61 4.81
C VAL A 164 -19.13 14.67 6.34
N THR A 165 -19.30 13.53 7.02
CA THR A 165 -19.20 13.54 8.48
C THR A 165 -17.95 12.79 8.94
N ALA A 166 -17.99 11.45 8.96
CA ALA A 166 -16.89 10.68 9.50
C ALA A 166 -15.60 10.84 8.67
N GLU A 167 -15.70 10.79 7.34
CA GLU A 167 -14.45 10.90 6.58
C GLU A 167 -13.87 12.29 6.68
N ALA A 168 -14.72 13.33 6.79
CA ALA A 168 -14.22 14.68 6.99
C ALA A 168 -13.61 14.85 8.38
N LEU A 169 -14.17 14.18 9.40
CA LEU A 169 -13.53 14.19 10.71
C LEU A 169 -12.12 13.62 10.61
N ARG A 170 -11.97 12.53 9.86
CA ARG A 170 -10.65 11.92 9.72
C ARG A 170 -9.68 12.80 8.94
N PHE A 171 -10.15 13.42 7.86
CA PHE A 171 -9.27 14.02 6.85
C PHE A 171 -9.64 15.48 6.64
N ARG A 172 -8.75 16.36 7.10
CA ARG A 172 -8.89 17.78 6.82
C ARG A 172 -8.97 18.06 5.33
N GLN A 173 -8.35 17.21 4.48
CA GLN A 173 -8.46 17.42 3.03
C GLN A 173 -9.91 17.33 2.58
N ILE A 174 -10.66 16.36 3.10
CA ILE A 174 -12.06 16.20 2.69
C ILE A 174 -12.91 17.31 3.28
N GLN A 175 -12.63 17.71 4.52
CA GLN A 175 -13.31 18.87 5.10
C GLN A 175 -13.13 20.10 4.22
N ARG A 176 -11.90 20.36 3.81
CA ARG A 176 -11.59 21.56 3.02
C ARG A 176 -12.26 21.50 1.65
N GLU A 177 -12.18 20.36 0.96
N GLU A 177 -12.19 20.35 0.96
CA GLU A 177 -12.73 20.28 -0.38
CA GLU A 177 -12.72 20.29 -0.39
C GLU A 177 -14.25 20.32 -0.37
C GLU A 177 -14.24 20.24 -0.42
N PHE A 178 -14.89 19.62 0.57
CA PHE A 178 -16.34 19.58 0.59
C PHE A 178 -16.93 20.92 1.03
N ARG A 179 -16.30 21.60 2.00
CA ARG A 179 -16.99 22.75 2.58
C ARG A 179 -17.30 23.83 1.55
N GLN A 180 -16.58 23.85 0.42
CA GLN A 180 -16.90 24.85 -0.61
C GLN A 180 -18.34 24.72 -1.09
N ALA A 181 -18.89 23.51 -1.09
CA ALA A 181 -20.26 23.30 -1.54
C ALA A 181 -21.29 23.95 -0.62
N LEU A 182 -20.91 24.36 0.58
CA LEU A 182 -21.86 24.96 1.51
C LEU A 182 -22.05 26.45 1.27
N SER A 183 -21.29 27.04 0.37
CA SER A 183 -21.33 28.49 0.23
C SER A 183 -22.50 28.92 -0.66
N GLU A 184 -22.78 30.23 -0.64
CA GLU A 184 -23.91 30.78 -1.37
C GLU A 184 -23.85 30.45 -2.86
N THR A 185 -22.64 30.35 -3.42
CA THR A 185 -22.48 29.90 -4.79
C THR A 185 -23.14 28.54 -5.01
N ALA A 186 -23.23 27.75 -3.96
CA ALA A 186 -23.70 26.36 -4.03
C ALA A 186 -23.00 25.57 -5.13
N PRO A 187 -21.68 25.46 -5.11
CA PRO A 187 -20.99 24.63 -6.09
C PRO A 187 -21.14 23.15 -5.72
N VAL A 188 -20.54 22.31 -6.53
CA VAL A 188 -20.61 20.86 -6.34
C VAL A 188 -19.25 20.37 -5.88
N TYR A 189 -19.23 19.56 -4.82
CA TYR A 189 -18.04 18.81 -4.44
C TYR A 189 -18.01 17.52 -5.25
N THR A 190 -16.87 17.24 -5.89
CA THR A 190 -16.66 15.96 -6.56
C THR A 190 -15.59 15.20 -5.81
N MET A 191 -15.93 14.04 -5.29
CA MET A 191 -14.95 13.22 -4.60
C MET A 191 -13.95 12.66 -5.61
N THR A 192 -12.69 12.92 -5.37
CA THR A 192 -11.64 12.52 -6.31
C THR A 192 -11.08 11.15 -5.98
N PRO A 193 -10.37 10.54 -6.92
CA PRO A 193 -9.63 9.32 -6.58
C PRO A 193 -8.69 9.51 -5.40
N GLY A 194 -8.06 10.68 -5.28
CA GLY A 194 -7.17 10.90 -4.14
C GLY A 194 -7.90 10.94 -2.82
N ASP A 195 -9.07 11.57 -2.79
CA ASP A 195 -9.93 11.52 -1.59
C ASP A 195 -10.23 10.07 -1.20
N VAL A 196 -10.64 9.28 -2.20
CA VAL A 196 -10.99 7.89 -1.94
C VAL A 196 -9.78 7.12 -1.40
N ASP A 197 -8.61 7.31 -2.03
CA ASP A 197 -7.40 6.64 -1.59
C ASP A 197 -7.06 7.00 -0.14
N LEU A 198 -7.25 8.28 0.24
CA LEU A 198 -7.04 8.64 1.64
C LEU A 198 -7.90 7.78 2.57
N THR A 199 -9.20 7.72 2.26
CA THR A 199 -10.08 6.95 3.14
C THR A 199 -9.63 5.49 3.21
N LEU A 200 -9.18 4.93 2.10
CA LEU A 200 -8.78 3.52 2.10
C LEU A 200 -7.46 3.28 2.84
N ASN A 201 -6.64 4.32 3.04
CA ASN A 201 -5.35 4.19 3.71
C ASN A 201 -5.38 4.70 5.15
N TRP A 202 -6.56 5.01 5.68
CA TRP A 202 -6.63 5.58 7.03
C TRP A 202 -5.93 4.73 8.10
N GLY A 203 -6.17 3.41 8.14
CA GLY A 203 -5.51 2.58 9.14
C GLY A 203 -4.00 2.56 9.00
N ARG A 204 -3.51 2.46 7.74
CA ARG A 204 -2.07 2.45 7.51
C ARG A 204 -1.42 3.78 7.93
N ILE A 205 -2.07 4.89 7.58
CA ILE A 205 -1.59 6.22 8.00
C ILE A 205 -1.55 6.29 9.52
N SER A 206 -2.58 5.75 10.17
CA SER A 206 -2.69 5.81 11.63
C SER A 206 -1.53 5.08 12.28
N ASN A 207 -1.07 3.98 11.68
CA ASN A 207 0.05 3.25 12.25
C ASN A 207 1.37 3.96 12.05
N VAL A 208 1.46 4.81 11.02
CA VAL A 208 2.75 5.44 10.69
C VAL A 208 2.95 6.79 11.38
N LEU A 209 1.94 7.67 11.40
CA LEU A 209 2.18 9.03 11.87
C LEU A 209 2.63 9.17 13.33
N PRO A 210 2.26 8.29 14.27
CA PRO A 210 2.82 8.43 15.63
C PRO A 210 4.33 8.31 15.71
N GLU A 211 4.97 7.76 14.67
CA GLU A 211 6.42 7.64 14.65
C GLU A 211 7.12 8.86 14.05
N TYR A 212 6.37 9.77 13.44
CA TYR A 212 6.95 10.94 12.80
C TYR A 212 7.70 11.82 13.81
N ARG A 213 8.93 12.18 13.47
CA ARG A 213 9.78 13.03 14.30
C ARG A 213 10.44 14.11 13.45
N GLY A 214 9.69 14.70 12.53
CA GLY A 214 10.22 15.79 11.73
C GLY A 214 10.99 15.40 10.50
N GLU A 215 10.83 14.16 10.03
CA GLU A 215 11.46 13.74 8.80
C GLU A 215 10.97 14.62 7.63
N ASP A 216 11.76 14.63 6.56
CA ASP A 216 11.43 15.50 5.43
C ASP A 216 10.18 15.06 4.70
N GLY A 217 9.72 13.83 4.90
CA GLY A 217 8.50 13.39 4.26
C GLY A 217 8.03 12.08 4.87
N VAL A 218 6.82 11.69 4.47
CA VAL A 218 6.17 10.46 4.91
C VAL A 218 5.59 9.77 3.69
N ARG A 219 5.80 8.45 3.59
CA ARG A 219 5.28 7.66 2.48
C ARG A 219 4.52 6.47 3.02
N VAL A 220 3.23 6.37 2.69
CA VAL A 220 2.40 5.25 3.13
C VAL A 220 1.67 4.77 1.89
N GLY A 221 2.12 3.66 1.30
CA GLY A 221 1.49 3.19 0.09
C GLY A 221 1.44 4.26 -0.98
N ARG A 222 0.22 4.57 -1.46
CA ARG A 222 0.05 5.54 -2.53
C ARG A 222 0.07 6.98 -2.02
N ILE A 223 0.15 7.18 -0.71
CA ILE A 223 0.03 8.50 -0.08
C ILE A 223 1.42 9.06 0.19
N SER A 224 1.64 10.33 -0.18
CA SER A 224 2.90 11.03 0.03
C SER A 224 2.65 12.35 0.74
N PHE A 225 3.44 12.64 1.78
CA PHE A 225 3.45 13.95 2.43
C PHE A 225 4.88 14.48 2.39
N ASN A 226 5.06 15.68 1.84
CA ASN A 226 6.42 16.17 1.69
C ASN A 226 6.87 17.14 2.78
N ASN A 227 6.03 17.45 3.75
CA ASN A 227 6.35 18.41 4.80
C ASN A 227 5.20 18.39 5.80
N ILE A 228 5.40 19.09 6.92
CA ILE A 228 4.41 19.04 7.98
C ILE A 228 3.11 19.70 7.55
N SER A 229 3.16 20.75 6.71
CA SER A 229 1.91 21.35 6.29
C SER A 229 1.12 20.43 5.38
N ALA A 230 1.77 19.56 4.61
CA ALA A 230 1.02 18.57 3.85
C ALA A 230 0.31 17.58 4.77
N ILE A 231 0.99 17.16 5.85
CA ILE A 231 0.37 16.24 6.79
C ILE A 231 -0.85 16.91 7.42
N LEU A 232 -0.67 18.12 7.96
CA LEU A 232 -1.74 18.79 8.67
C LEU A 232 -2.87 19.22 7.74
N GLY A 233 -2.56 19.62 6.51
CA GLY A 233 -3.63 19.94 5.59
C GLY A 233 -4.41 18.73 5.12
N THR A 234 -3.88 17.52 5.34
CA THR A 234 -4.56 16.34 4.83
C THR A 234 -5.26 15.54 5.92
N VAL A 235 -4.60 15.29 7.05
CA VAL A 235 -5.07 14.35 8.07
C VAL A 235 -5.41 15.11 9.34
N ALA A 236 -6.52 14.74 9.97
CA ALA A 236 -6.95 15.36 11.22
C ALA A 236 -7.02 14.39 12.40
N VAL A 237 -7.59 13.20 12.22
CA VAL A 237 -7.79 12.27 13.32
C VAL A 237 -7.38 10.88 12.85
N ILE A 238 -6.62 10.16 13.68
CA ILE A 238 -6.15 8.82 13.37
C ILE A 238 -6.55 7.85 14.47
N LEU A 239 -6.57 6.57 14.12
CA LEU A 239 -6.77 5.50 15.09
C LEU A 239 -5.71 5.53 16.18
N ASN A 240 -6.08 4.96 17.33
CA ASN A 240 -5.14 4.71 18.43
C ASN A 240 -4.45 3.37 18.18
N CYS A 241 -3.22 3.42 17.68
CA CYS A 241 -2.47 2.21 17.32
C CYS A 241 -1.43 1.82 18.35
N GLN A 257 -6.23 -1.17 17.73
CA GLN A 257 -7.30 -1.48 16.78
C GLN A 257 -6.80 -2.38 15.64
N PRO A 258 -7.63 -3.33 15.20
CA PRO A 258 -7.17 -4.26 14.16
C PRO A 258 -6.81 -3.59 12.85
N GLU A 259 -7.41 -2.44 12.55
CA GLU A 259 -7.10 -1.72 11.31
C GLU A 259 -5.70 -1.12 11.31
N CYS A 260 -4.99 -1.14 12.44
CA CYS A 260 -3.64 -0.57 12.50
C CYS A 260 -2.59 -1.45 11.85
N GLN A 261 -2.83 -2.76 11.77
CA GLN A 261 -1.80 -3.69 11.35
C GLN A 261 -2.33 -4.55 10.22
N ILE A 262 -1.51 -4.73 9.18
CA ILE A 262 -1.82 -5.62 8.07
C ILE A 262 -1.07 -6.92 8.30
N THR A 263 0.25 -6.80 8.44
CA THR A 263 1.13 -7.94 8.64
C THR A 263 2.42 -7.41 9.24
N GLY A 264 3.18 -8.30 9.88
CA GLY A 264 4.44 -7.87 10.47
C GLY A 264 4.24 -7.06 11.75
N ASP A 265 5.34 -6.47 12.21
CA ASP A 265 5.27 -5.72 13.46
C ASP A 265 6.16 -4.48 13.44
N ARG A 266 6.51 -3.99 12.27
CA ARG A 266 7.39 -2.84 12.14
C ARG A 266 6.64 -1.68 11.51
N PRO A 267 6.27 -0.65 12.27
CA PRO A 267 5.53 0.46 11.65
C PRO A 267 6.27 1.12 10.51
N VAL A 268 7.54 1.49 10.71
CA VAL A 268 8.23 2.36 9.75
C VAL A 268 9.68 1.93 9.52
N ILE A 269 10.21 2.40 8.40
CA ILE A 269 11.63 2.43 8.11
C ILE A 269 11.97 3.83 7.64
N LYS A 270 13.02 4.42 8.20
CA LYS A 270 13.51 5.71 7.73
C LYS A 270 14.55 5.50 6.64
N ILE A 271 14.27 6.03 5.44
CA ILE A 271 15.11 5.89 4.26
C ILE A 271 15.34 7.29 3.70
N ASN A 272 16.59 7.74 3.68
CA ASN A 272 16.94 9.03 3.09
C ASN A 272 16.03 10.14 3.62
N ASN A 273 15.95 10.21 4.95
N ASN A 273 15.91 10.18 4.95
CA ASN A 273 15.16 11.23 5.67
CA ASN A 273 15.20 11.23 5.66
C ASN A 273 13.72 11.29 5.18
C ASN A 273 13.70 11.22 5.41
N THR A 274 13.17 10.13 4.86
CA THR A 274 11.74 9.97 4.61
C THR A 274 11.26 8.79 5.43
N LEU A 275 10.13 8.96 6.11
CA LEU A 275 9.53 7.91 6.93
C LEU A 275 8.61 7.08 6.06
N TRP A 276 8.97 5.83 5.80
CA TRP A 276 8.18 4.90 4.99
C TRP A 276 7.43 3.93 5.88
N GLU A 277 6.18 3.65 5.52
CA GLU A 277 5.54 2.43 5.99
C GLU A 277 6.42 1.25 5.61
N SER A 278 6.83 0.44 6.59
CA SER A 278 7.75 -0.66 6.27
C SER A 278 7.15 -1.58 5.24
N ASN A 279 5.82 -1.81 5.30
CA ASN A 279 5.19 -2.75 4.38
C ASN A 279 5.32 -2.29 2.92
N THR A 280 5.24 -0.98 2.69
CA THR A 280 5.35 -0.45 1.33
C THR A 280 6.75 -0.74 0.75
N ALA A 281 7.78 -0.37 1.51
CA ALA A 281 9.14 -0.66 1.08
C ALA A 281 9.34 -2.15 0.85
N ALA A 282 8.85 -2.97 1.78
CA ALA A 282 9.00 -4.42 1.62
C ALA A 282 8.34 -4.90 0.33
N ALA A 283 7.23 -4.26 -0.07
CA ALA A 283 6.46 -4.70 -1.22
C ALA A 283 7.07 -4.29 -2.56
N PHE A 284 8.02 -3.36 -2.59
CA PHE A 284 8.77 -3.19 -3.84
C PHE A 284 10.22 -3.65 -3.77
N LEU A 285 10.68 -4.14 -2.61
CA LEU A 285 12.02 -4.70 -2.47
C LEU A 285 12.04 -6.21 -2.47
N ASN A 286 10.89 -6.87 -2.69
CA ASN A 286 10.81 -8.34 -2.71
C ASN A 286 10.91 -8.93 -4.12
N ARG A 287 11.60 -8.24 -5.03
CA ARG A 287 11.77 -8.73 -6.39
C ARG A 287 13.11 -9.43 -6.52
N LYS A 288 13.13 -10.57 -7.24
CA LYS A 288 14.42 -11.20 -7.50
C LYS A 288 15.03 -10.57 -8.74
N SER A 289 16.20 -11.08 -9.13
CA SER A 289 16.88 -10.58 -10.33
C SER A 289 15.94 -10.57 -11.54
N GLN A 290 15.88 -9.43 -12.24
CA GLN A 290 14.89 -9.24 -13.30
C GLN A 290 15.05 -10.23 -14.44
N PHE A 291 16.29 -10.47 -14.89
CA PHE A 291 16.51 -11.45 -15.95
C PHE A 291 15.96 -12.82 -15.56
N LEU A 292 16.18 -13.21 -14.31
CA LEU A 292 15.72 -14.51 -13.85
C LEU A 292 14.21 -14.55 -13.72
N TYR A 293 13.62 -13.43 -13.29
CA TYR A 293 12.16 -13.37 -13.20
C TYR A 293 11.51 -13.55 -14.57
N THR A 294 11.99 -12.80 -15.56
CA THR A 294 11.32 -12.78 -16.85
C THR A 294 11.59 -14.06 -17.65
N THR A 295 12.78 -14.64 -17.54
CA THR A 295 13.05 -15.86 -18.30
C THR A 295 12.47 -17.10 -17.63
N GLY A 296 12.13 -17.01 -16.34
CA GLY A 296 11.67 -18.18 -15.62
C GLY A 296 10.17 -18.34 -15.72
N LYS A 297 9.66 -18.63 -16.91
CA LYS A 297 8.21 -18.66 -17.13
C LYS A 297 7.60 -20.04 -16.87
N ALA B 1 35.67 -16.44 6.69
CA ALA B 1 36.09 -15.29 7.48
C ALA B 1 35.10 -14.14 7.35
N ASP B 2 34.89 -13.40 8.44
CA ASP B 2 34.06 -12.20 8.42
C ASP B 2 34.90 -11.05 7.87
N CYS B 3 34.80 -10.83 6.56
CA CYS B 3 35.58 -9.78 5.90
C CYS B 3 35.23 -8.39 6.41
N ALA B 4 33.93 -8.08 6.45
CA ALA B 4 33.47 -6.76 6.80
C ALA B 4 32.09 -6.89 7.42
N LYS B 5 31.81 -6.02 8.39
CA LYS B 5 30.49 -5.95 9.00
C LYS B 5 30.12 -4.49 9.15
N GLY B 6 28.94 -4.13 8.66
CA GLY B 6 28.45 -2.77 8.83
C GLY B 6 27.37 -2.46 7.80
N LYS B 7 27.12 -1.16 7.63
CA LYS B 7 26.14 -0.71 6.66
C LYS B 7 26.78 -0.60 5.28
N ILE B 8 25.96 -0.75 4.25
CA ILE B 8 26.43 -0.55 2.88
C ILE B 8 26.56 0.94 2.62
N GLU B 9 27.79 1.37 2.33
CA GLU B 9 28.07 2.80 2.08
C GLU B 9 27.69 3.21 0.67
N PHE B 10 27.91 2.34 -0.31
CA PHE B 10 27.33 2.52 -1.63
C PHE B 10 27.26 1.15 -2.27
N SER B 11 26.44 1.05 -3.31
CA SER B 11 26.41 -0.14 -4.16
C SER B 11 26.61 0.30 -5.61
N LYS B 12 26.99 -0.65 -6.45
CA LYS B 12 27.28 -0.29 -7.84
C LYS B 12 27.07 -1.49 -8.75
N TYR B 13 26.24 -1.30 -9.78
CA TYR B 13 26.13 -2.27 -10.87
C TYR B 13 27.26 -2.04 -11.86
N ASN B 14 27.98 -3.09 -12.23
CA ASN B 14 29.18 -2.97 -13.04
C ASN B 14 28.93 -3.43 -14.47
N GLU B 15 29.79 -2.96 -15.40
CA GLU B 15 29.61 -3.28 -16.81
C GLU B 15 29.75 -4.77 -17.11
N ASP B 16 30.40 -5.54 -16.24
CA ASP B 16 30.52 -6.98 -16.43
C ASP B 16 29.38 -7.74 -15.75
N ASP B 17 28.32 -7.04 -15.34
CA ASP B 17 27.15 -7.58 -14.66
C ASP B 17 27.46 -8.12 -13.26
N THR B 18 28.60 -7.77 -12.68
CA THR B 18 28.81 -8.01 -11.26
C THR B 18 28.26 -6.81 -10.47
N PHE B 19 28.33 -6.92 -9.15
CA PHE B 19 27.74 -5.94 -8.25
C PHE B 19 28.70 -5.69 -7.10
N THR B 20 29.02 -4.42 -6.87
CA THR B 20 29.97 -4.01 -5.84
C THR B 20 29.24 -3.36 -4.67
N VAL B 21 29.69 -3.65 -3.46
CA VAL B 21 29.24 -2.91 -2.27
C VAL B 21 30.46 -2.48 -1.48
N LYS B 22 30.33 -1.34 -0.80
CA LYS B 22 31.37 -0.86 0.11
C LYS B 22 30.85 -1.01 1.53
N VAL B 23 31.59 -1.76 2.35
CA VAL B 23 31.21 -2.02 3.73
C VAL B 23 32.43 -1.79 4.60
N ASP B 24 32.27 -0.98 5.65
CA ASP B 24 33.36 -0.71 6.60
C ASP B 24 34.63 -0.27 5.89
N GLY B 25 34.47 0.59 4.89
CA GLY B 25 35.59 1.18 4.19
C GLY B 25 36.22 0.33 3.10
N LYS B 26 35.74 -0.88 2.87
CA LYS B 26 36.33 -1.80 1.90
C LYS B 26 35.32 -2.17 0.84
N GLU B 27 35.78 -2.32 -0.40
CA GLU B 27 34.90 -2.64 -1.52
C GLU B 27 34.99 -4.12 -1.87
N TYR B 28 33.84 -4.73 -2.10
CA TYR B 28 33.76 -6.13 -2.47
C TYR B 28 32.75 -6.28 -3.60
N TRP B 29 32.94 -7.30 -4.43
CA TRP B 29 32.06 -7.53 -5.56
C TRP B 29 31.55 -8.96 -5.54
N THR B 30 30.38 -9.17 -6.11
CA THR B 30 29.83 -10.51 -6.27
C THR B 30 29.29 -10.69 -7.68
N SER B 31 29.42 -11.92 -8.19
CA SER B 31 28.85 -12.26 -9.48
C SER B 31 27.47 -12.89 -9.39
N ARG B 32 26.93 -13.07 -8.18
CA ARG B 32 25.66 -13.77 -8.01
C ARG B 32 24.53 -12.77 -8.23
N TRP B 33 23.74 -12.95 -9.29
CA TRP B 33 22.76 -11.94 -9.66
C TRP B 33 21.68 -11.75 -8.60
N ASN B 34 21.23 -12.83 -7.92
CA ASN B 34 20.17 -12.61 -6.95
C ASN B 34 20.65 -11.82 -5.73
N LEU B 35 21.96 -11.68 -5.52
CA LEU B 35 22.43 -10.81 -4.46
C LEU B 35 22.24 -9.33 -4.80
N GLN B 36 22.00 -8.99 -6.07
CA GLN B 36 21.86 -7.58 -6.42
C GLN B 36 20.65 -6.96 -5.73
N PRO B 37 19.42 -7.48 -5.89
CA PRO B 37 18.32 -6.90 -5.11
C PRO B 37 18.48 -7.10 -3.62
N LEU B 38 18.99 -8.26 -3.17
CA LEU B 38 19.15 -8.47 -1.73
C LEU B 38 20.07 -7.42 -1.12
N LEU B 39 21.16 -7.09 -1.82
CA LEU B 39 22.08 -6.08 -1.27
C LEU B 39 21.47 -4.70 -1.36
N GLN B 40 20.78 -4.39 -2.47
CA GLN B 40 20.22 -3.03 -2.55
C GLN B 40 19.14 -2.83 -1.48
N SER B 41 18.30 -3.85 -1.27
CA SER B 41 17.33 -3.78 -0.19
C SER B 41 18.04 -3.53 1.14
N ALA B 42 19.12 -4.27 1.42
CA ALA B 42 19.83 -4.08 2.67
C ALA B 42 20.35 -2.65 2.79
N GLN B 43 20.81 -2.10 1.67
CA GLN B 43 21.33 -0.74 1.69
C GLN B 43 20.22 0.26 1.99
N LEU B 44 19.05 0.04 1.40
CA LEU B 44 17.98 1.02 1.53
C LEU B 44 17.37 0.99 2.92
N THR B 45 17.27 -0.18 3.54
CA THR B 45 16.59 -0.28 4.83
C THR B 45 17.54 -0.22 6.01
N GLY B 46 18.83 -0.05 5.78
CA GLY B 46 19.76 0.10 6.88
C GLY B 46 20.16 -1.17 7.58
N MET B 47 20.14 -2.30 6.88
CA MET B 47 20.57 -3.55 7.48
C MET B 47 22.07 -3.53 7.72
N THR B 48 22.50 -4.23 8.78
CA THR B 48 23.89 -4.58 8.95
C THR B 48 24.17 -5.83 8.13
N VAL B 49 25.16 -5.77 7.24
CA VAL B 49 25.56 -6.93 6.44
C VAL B 49 26.93 -7.40 6.90
N THR B 50 27.12 -8.72 6.89
CA THR B 50 28.41 -9.33 7.21
C THR B 50 28.88 -10.06 5.96
N ILE B 51 29.92 -9.53 5.31
CA ILE B 51 30.52 -10.16 4.13
C ILE B 51 31.43 -11.30 4.60
N LYS B 52 31.24 -12.48 4.04
CA LYS B 52 32.00 -13.67 4.43
C LYS B 52 32.67 -14.26 3.21
N SER B 53 33.96 -14.58 3.31
CA SER B 53 34.68 -15.05 2.14
C SER B 53 36.00 -15.69 2.54
N SER B 54 36.54 -16.48 1.61
CA SER B 54 37.90 -17.03 1.72
C SER B 54 38.92 -15.93 1.89
N THR B 55 38.88 -14.92 1.01
CA THR B 55 39.80 -13.80 1.03
C THR B 55 39.01 -12.53 1.29
N CYS B 56 39.62 -11.61 2.05
CA CYS B 56 38.93 -10.40 2.46
C CYS B 56 39.68 -9.13 2.07
N GLU B 57 40.68 -9.23 1.20
CA GLU B 57 41.37 -8.03 0.73
C GLU B 57 40.41 -7.14 -0.05
N SER B 58 40.67 -5.84 0.00
CA SER B 58 39.81 -4.88 -0.70
C SER B 58 39.80 -5.15 -2.20
N GLY B 59 38.62 -5.14 -2.79
CA GLY B 59 38.44 -5.46 -4.19
C GLY B 59 38.24 -6.94 -4.49
N SER B 60 38.01 -7.77 -3.47
CA SER B 60 37.87 -9.20 -3.66
C SER B 60 36.41 -9.59 -3.85
N GLY B 61 36.21 -10.80 -4.37
CA GLY B 61 34.87 -11.31 -4.59
C GLY B 61 34.30 -12.01 -3.37
N PHE B 62 32.96 -12.15 -3.37
CA PHE B 62 32.28 -12.85 -2.29
C PHE B 62 30.99 -13.44 -2.82
N ALA B 63 30.51 -14.47 -2.09
CA ALA B 63 29.23 -15.09 -2.42
C ALA B 63 28.51 -15.57 -1.17
N GLU B 64 28.87 -15.07 0.01
CA GLU B 64 28.20 -15.38 1.26
C GLU B 64 28.06 -14.07 2.03
N VAL B 65 26.86 -13.79 2.51
CA VAL B 65 26.63 -12.56 3.26
C VAL B 65 25.43 -12.74 4.17
N GLN B 66 25.57 -12.29 5.41
CA GLN B 66 24.49 -12.33 6.39
C GLN B 66 23.81 -10.97 6.47
N PHE B 67 22.50 -10.99 6.69
CA PHE B 67 21.68 -9.77 6.77
C PHE B 67 21.00 -9.70 8.12
N ASN B 68 21.15 -8.56 8.79
CA ASN B 68 20.51 -8.31 10.08
C ASN B 68 19.80 -6.96 10.03
N ASN B 69 18.60 -6.90 10.59
CA ASN B 69 17.89 -5.63 10.74
C ASN B 69 18.69 -4.72 11.68
N ALA C 1 6.48 -31.41 8.97
CA ALA C 1 6.09 -30.84 10.26
C ALA C 1 6.25 -29.34 10.27
N ASP C 2 5.47 -28.65 11.09
CA ASP C 2 5.72 -27.24 11.37
C ASP C 2 6.87 -27.17 12.36
N CYS C 3 8.01 -26.65 11.92
CA CYS C 3 9.24 -26.73 12.71
C CYS C 3 9.46 -25.53 13.60
N ALA C 4 9.13 -24.34 13.10
CA ALA C 4 9.48 -23.12 13.77
C ALA C 4 8.54 -22.02 13.28
N LYS C 5 7.98 -21.26 14.21
CA LYS C 5 7.08 -20.17 13.86
C LYS C 5 7.54 -18.91 14.60
N GLY C 6 7.83 -17.86 13.86
CA GLY C 6 8.30 -16.63 14.47
C GLY C 6 8.88 -15.71 13.43
N LYS C 7 9.47 -14.61 13.92
CA LYS C 7 10.13 -13.67 13.04
C LYS C 7 11.52 -14.18 12.66
N ILE C 8 11.98 -13.76 11.49
CA ILE C 8 13.32 -14.09 11.02
C ILE C 8 14.33 -13.25 11.78
N GLU C 9 15.25 -13.93 12.49
CA GLU C 9 16.24 -13.27 13.33
C GLU C 9 17.47 -12.84 12.55
N PHE C 10 17.85 -13.60 11.52
CA PHE C 10 18.79 -13.14 10.51
C PHE C 10 18.56 -14.00 9.28
N SER C 11 19.07 -13.54 8.15
CA SER C 11 19.08 -14.32 6.92
C SER C 11 20.49 -14.32 6.35
N LYS C 12 20.76 -15.28 5.47
CA LYS C 12 22.12 -15.40 4.96
C LYS C 12 22.09 -16.05 3.58
N TYR C 13 22.72 -15.38 2.62
CA TYR C 13 22.96 -15.97 1.31
C TYR C 13 24.22 -16.82 1.38
N ASN C 14 24.13 -18.07 0.92
CA ASN C 14 25.23 -19.02 1.09
C ASN C 14 26.00 -19.22 -0.21
N GLU C 15 27.25 -19.65 -0.06
CA GLU C 15 28.12 -19.81 -1.23
C GLU C 15 27.58 -20.82 -2.25
N ASP C 16 26.81 -21.81 -1.79
CA ASP C 16 26.20 -22.76 -2.72
C ASP C 16 24.87 -22.27 -3.28
N ASP C 17 24.55 -20.99 -3.09
CA ASP C 17 23.36 -20.29 -3.56
C ASP C 17 22.09 -20.69 -2.82
N THR C 18 22.19 -21.51 -1.78
CA THR C 18 21.04 -21.66 -0.89
C THR C 18 20.95 -20.45 0.03
N PHE C 19 19.90 -20.42 0.85
CA PHE C 19 19.55 -19.24 1.63
C PHE C 19 19.09 -19.72 3.00
N THR C 20 19.66 -19.13 4.06
CA THR C 20 19.41 -19.56 5.42
C THR C 20 18.63 -18.50 6.18
N VAL C 21 17.67 -18.94 7.00
CA VAL C 21 17.00 -18.05 7.95
C VAL C 21 17.05 -18.68 9.33
N LYS C 22 17.11 -17.83 10.35
CA LYS C 22 17.03 -18.28 11.73
C LYS C 22 15.65 -17.89 12.26
N VAL C 23 14.89 -18.88 12.73
CA VAL C 23 13.53 -18.69 13.22
C VAL C 23 13.41 -19.50 14.50
N ASP C 24 12.88 -18.88 15.56
CA ASP C 24 12.73 -19.54 16.86
C ASP C 24 14.04 -20.18 17.32
N GLY C 25 15.15 -19.48 17.09
CA GLY C 25 16.44 -19.91 17.57
C GLY C 25 17.12 -21.01 16.80
N LYS C 26 16.56 -21.45 15.67
CA LYS C 26 17.11 -22.52 14.87
C LYS C 26 17.32 -22.06 13.43
N GLU C 27 18.38 -22.55 12.80
CA GLU C 27 18.73 -22.16 11.43
C GLU C 27 18.19 -23.18 10.44
N TYR C 28 17.64 -22.69 9.33
CA TYR C 28 17.08 -23.53 8.28
C TYR C 28 17.54 -22.99 6.93
N TRP C 29 17.89 -23.89 6.00
CA TRP C 29 18.32 -23.47 4.67
C TRP C 29 17.33 -23.94 3.61
N THR C 30 17.24 -23.18 2.51
CA THR C 30 16.41 -23.57 1.37
C THR C 30 17.15 -23.34 0.07
N SER C 31 16.94 -24.24 -0.88
CA SER C 31 17.46 -24.09 -2.24
C SER C 31 16.44 -23.48 -3.20
N ARG C 32 15.26 -23.08 -2.71
CA ARG C 32 14.25 -22.49 -3.57
C ARG C 32 14.63 -21.03 -3.84
N TRP C 33 15.05 -20.74 -5.07
CA TRP C 33 15.56 -19.42 -5.40
C TRP C 33 14.54 -18.33 -5.11
N ASN C 34 13.27 -18.60 -5.44
CA ASN C 34 12.23 -17.59 -5.30
C ASN C 34 12.00 -17.19 -3.86
N LEU C 35 12.39 -18.03 -2.91
CA LEU C 35 12.19 -17.66 -1.52
C LEU C 35 13.16 -16.60 -1.05
N GLN C 36 14.25 -16.33 -1.77
CA GLN C 36 15.25 -15.40 -1.24
C GLN C 36 14.67 -13.99 -1.04
N PRO C 37 14.11 -13.33 -2.06
CA PRO C 37 13.56 -11.99 -1.78
C PRO C 37 12.33 -12.03 -0.89
N LEU C 38 11.49 -13.06 -1.01
CA LEU C 38 10.29 -13.16 -0.19
C LEU C 38 10.65 -13.26 1.28
N LEU C 39 11.68 -14.05 1.61
CA LEU C 39 12.09 -14.15 3.00
C LEU C 39 12.73 -12.85 3.47
N GLN C 40 13.51 -12.17 2.60
CA GLN C 40 14.16 -10.95 3.07
C GLN C 40 13.13 -9.88 3.37
N SER C 41 12.10 -9.76 2.53
N SER C 41 12.11 -9.75 2.51
CA SER C 41 11.08 -8.76 2.81
CA SER C 41 11.04 -8.80 2.76
C SER C 41 10.29 -9.14 4.06
C SER C 41 10.30 -9.15 4.05
N ALA C 42 10.04 -10.44 4.27
CA ALA C 42 9.40 -10.86 5.51
C ALA C 42 10.25 -10.42 6.70
N GLN C 43 11.57 -10.63 6.57
CA GLN C 43 12.48 -10.23 7.62
C GLN C 43 12.38 -8.73 7.87
N LEU C 44 12.30 -7.95 6.79
CA LEU C 44 12.36 -6.50 6.91
C LEU C 44 11.18 -5.96 7.69
N THR C 45 10.03 -6.62 7.58
CA THR C 45 8.81 -6.03 8.10
C THR C 45 8.36 -6.74 9.37
N GLY C 46 9.12 -7.72 9.84
CA GLY C 46 8.75 -8.43 11.04
C GLY C 46 7.63 -9.42 10.85
N MET C 47 7.48 -9.94 9.63
CA MET C 47 6.45 -10.91 9.34
C MET C 47 6.74 -12.22 10.07
N THR C 48 5.70 -12.81 10.65
CA THR C 48 5.81 -14.13 11.27
C THR C 48 5.78 -15.20 10.17
N VAL C 49 6.79 -16.07 10.14
CA VAL C 49 6.81 -17.16 9.16
C VAL C 49 6.80 -18.49 9.89
N THR C 50 6.30 -19.52 9.20
CA THR C 50 6.31 -20.89 9.71
C THR C 50 7.15 -21.74 8.77
N ILE C 51 8.28 -22.25 9.28
CA ILE C 51 9.15 -23.15 8.50
C ILE C 51 8.58 -24.56 8.61
N LYS C 52 8.43 -25.22 7.47
CA LYS C 52 7.87 -26.57 7.43
C LYS C 52 8.89 -27.50 6.78
N SER C 53 9.19 -28.63 7.45
CA SER C 53 10.22 -29.56 6.99
C SER C 53 10.00 -30.93 7.59
N SER C 54 10.68 -31.93 6.99
CA SER C 54 10.68 -33.29 7.50
C SER C 54 11.44 -33.42 8.81
N THR C 55 12.45 -32.57 9.03
CA THR C 55 13.24 -32.54 10.25
C THR C 55 13.31 -31.10 10.73
N CYS C 56 13.30 -30.92 12.05
CA CYS C 56 13.21 -29.57 12.60
C CYS C 56 14.45 -29.13 13.38
N GLU C 57 15.46 -29.98 13.52
CA GLU C 57 16.72 -29.60 14.13
C GLU C 57 17.34 -28.42 13.39
N SER C 58 18.01 -27.55 14.15
CA SER C 58 18.77 -26.48 13.51
C SER C 58 19.74 -27.09 12.50
N GLY C 59 19.79 -26.52 11.31
CA GLY C 59 20.58 -27.06 10.23
C GLY C 59 19.81 -27.84 9.19
N SER C 60 18.50 -28.01 9.38
CA SER C 60 17.63 -28.70 8.45
C SER C 60 17.33 -27.85 7.22
N GLY C 61 16.96 -28.54 6.12
CA GLY C 61 16.49 -27.86 4.93
C GLY C 61 14.98 -27.74 4.89
N PHE C 62 14.50 -26.77 4.09
CA PHE C 62 13.07 -26.65 3.88
C PHE C 62 12.80 -26.22 2.44
N ALA C 63 11.61 -26.59 1.96
CA ALA C 63 11.12 -26.16 0.66
C ALA C 63 9.69 -25.65 0.77
N GLU C 64 9.20 -25.41 1.99
CA GLU C 64 7.83 -24.99 2.24
C GLU C 64 7.86 -24.00 3.40
N VAL C 65 7.17 -22.88 3.25
CA VAL C 65 7.16 -21.86 4.30
C VAL C 65 5.87 -21.06 4.14
N GLN C 66 5.24 -20.75 5.29
CA GLN C 66 4.01 -19.99 5.31
C GLN C 66 4.29 -18.59 5.83
N PHE C 67 3.74 -17.59 5.16
CA PHE C 67 3.88 -16.19 5.54
C PHE C 67 2.58 -15.74 6.21
N ASN C 68 2.65 -15.45 7.51
CA ASN C 68 1.48 -15.20 8.32
C ASN C 68 1.32 -13.71 8.58
N ASN C 69 0.12 -13.31 9.01
CA ASN C 69 -0.14 -11.92 9.33
C ASN C 69 -0.13 -11.61 10.82
N ASP C 70 0.29 -12.56 11.66
CA ASP C 70 0.42 -12.30 13.11
C ASP C 70 1.24 -11.04 13.42
N ALA D 1 -15.20 -18.24 -13.04
CA ALA D 1 -15.97 -17.69 -11.94
C ALA D 1 -15.11 -16.80 -11.06
N ASP D 2 -15.71 -15.75 -10.50
CA ASP D 2 -15.05 -14.99 -9.44
C ASP D 2 -15.20 -15.79 -8.16
N CYS D 3 -14.13 -16.45 -7.75
CA CYS D 3 -14.19 -17.39 -6.62
C CYS D 3 -14.11 -16.68 -5.28
N ALA D 4 -13.27 -15.66 -5.19
CA ALA D 4 -12.98 -15.02 -3.92
C ALA D 4 -12.53 -13.59 -4.19
N LYS D 5 -12.90 -12.68 -3.29
CA LYS D 5 -12.45 -11.29 -3.38
C LYS D 5 -12.24 -10.79 -1.96
N GLY D 6 -10.99 -10.55 -1.59
CA GLY D 6 -10.67 -10.23 -0.22
C GLY D 6 -9.18 -10.02 -0.05
N LYS D 7 -8.79 -9.83 1.20
CA LYS D 7 -7.38 -9.68 1.52
C LYS D 7 -6.73 -11.04 1.74
N ILE D 8 -5.43 -11.11 1.48
CA ILE D 8 -4.69 -12.36 1.65
C ILE D 8 -4.45 -12.59 3.14
N GLU D 9 -5.00 -13.69 3.66
CA GLU D 9 -4.91 -14.02 5.09
C GLU D 9 -3.60 -14.72 5.42
N PHE D 10 -3.09 -15.54 4.52
CA PHE D 10 -1.69 -15.99 4.56
C PHE D 10 -1.30 -16.39 3.16
N SER D 11 0.01 -16.49 2.93
CA SER D 11 0.53 -17.06 1.69
C SER D 11 1.49 -18.19 2.04
N LYS D 12 1.73 -19.10 1.10
CA LYS D 12 2.59 -20.25 1.38
C LYS D 12 3.32 -20.65 0.11
N TYR D 13 4.63 -20.84 0.21
CA TYR D 13 5.41 -21.46 -0.85
C TYR D 13 5.35 -22.97 -0.64
N ASN D 14 4.92 -23.71 -1.68
CA ASN D 14 4.68 -25.15 -1.56
C ASN D 14 5.87 -25.95 -2.07
N GLU D 15 5.94 -27.22 -1.63
CA GLU D 15 7.09 -28.05 -1.97
C GLU D 15 7.19 -28.35 -3.47
N ASP D 16 6.07 -28.28 -4.20
CA ASP D 16 6.09 -28.46 -5.65
C ASP D 16 6.34 -27.15 -6.39
N ASP D 17 6.72 -26.09 -5.67
CA ASP D 17 7.06 -24.76 -6.16
C ASP D 17 5.85 -23.94 -6.59
N THR D 18 4.62 -24.44 -6.37
CA THR D 18 3.46 -23.58 -6.53
C THR D 18 3.31 -22.68 -5.29
N PHE D 19 2.36 -21.76 -5.37
CA PHE D 19 2.22 -20.72 -4.35
C PHE D 19 0.75 -20.61 -3.98
N THR D 20 0.45 -20.65 -2.68
CA THR D 20 -0.92 -20.65 -2.20
C THR D 20 -1.23 -19.34 -1.49
N VAL D 21 -2.44 -18.84 -1.69
CA VAL D 21 -2.98 -17.75 -0.87
C VAL D 21 -4.31 -18.18 -0.30
N LYS D 22 -4.61 -17.70 0.91
CA LYS D 22 -5.93 -17.89 1.52
C LYS D 22 -6.71 -16.59 1.39
N VAL D 23 -7.86 -16.66 0.73
CA VAL D 23 -8.70 -15.49 0.48
C VAL D 23 -10.15 -15.91 0.73
N ASP D 24 -10.89 -15.10 1.50
CA ASP D 24 -12.29 -15.42 1.81
C ASP D 24 -12.40 -16.79 2.49
N GLY D 25 -11.41 -17.14 3.31
CA GLY D 25 -11.47 -18.39 4.02
C GLY D 25 -11.17 -19.63 3.20
N LYS D 26 -10.73 -19.48 1.96
CA LYS D 26 -10.46 -20.60 1.08
C LYS D 26 -9.05 -20.50 0.53
N GLU D 27 -8.41 -21.65 0.34
CA GLU D 27 -7.04 -21.72 -0.16
C GLU D 27 -7.04 -21.96 -1.67
N TYR D 28 -6.20 -21.21 -2.37
CA TYR D 28 -6.03 -21.30 -3.82
C TYR D 28 -4.55 -21.32 -4.15
N TRP D 29 -4.16 -22.18 -5.08
CA TRP D 29 -2.75 -22.28 -5.49
C TRP D 29 -2.59 -21.86 -6.95
N THR D 30 -1.40 -21.35 -7.27
CA THR D 30 -1.05 -21.02 -8.64
C THR D 30 0.37 -21.52 -8.92
N SER D 31 0.57 -22.01 -10.14
CA SER D 31 1.89 -22.36 -10.62
C SER D 31 2.54 -21.26 -11.43
N ARG D 32 1.86 -20.12 -11.61
CA ARG D 32 2.41 -19.02 -12.41
C ARG D 32 3.53 -18.35 -11.62
N TRP D 33 4.75 -18.47 -12.13
CA TRP D 33 5.91 -17.97 -11.40
C TRP D 33 5.85 -16.46 -11.21
N ASN D 34 5.33 -15.76 -12.23
CA ASN D 34 5.28 -14.30 -12.20
C ASN D 34 4.51 -13.80 -11.01
N LEU D 35 3.55 -14.59 -10.51
CA LEU D 35 2.63 -14.11 -9.50
C LEU D 35 3.20 -14.16 -8.09
N GLN D 36 4.31 -14.86 -7.85
CA GLN D 36 4.75 -15.02 -6.46
C GLN D 36 5.10 -13.69 -5.77
N PRO D 37 6.00 -12.86 -6.32
CA PRO D 37 6.25 -11.55 -5.67
C PRO D 37 5.01 -10.67 -5.65
N LEU D 38 4.20 -10.73 -6.71
CA LEU D 38 3.04 -9.86 -6.78
C LEU D 38 2.05 -10.19 -5.67
N LEU D 39 1.80 -11.48 -5.46
CA LEU D 39 0.89 -11.86 -4.39
C LEU D 39 1.47 -11.50 -3.03
N GLN D 40 2.80 -11.65 -2.83
CA GLN D 40 3.33 -11.26 -1.54
C GLN D 40 3.20 -9.75 -1.36
N SER D 41 3.41 -8.98 -2.44
CA SER D 41 3.26 -7.53 -2.30
C SER D 41 1.82 -7.17 -1.94
N ALA D 42 0.86 -7.91 -2.49
CA ALA D 42 -0.54 -7.65 -2.15
C ALA D 42 -0.78 -7.95 -0.68
N GLN D 43 -0.25 -9.07 -0.20
CA GLN D 43 -0.41 -9.41 1.20
C GLN D 43 0.21 -8.34 2.08
N LEU D 44 1.39 -7.85 1.68
CA LEU D 44 2.11 -6.90 2.52
C LEU D 44 1.34 -5.59 2.62
N THR D 45 0.62 -5.23 1.56
CA THR D 45 0.01 -3.90 1.54
C THR D 45 -1.48 -3.97 1.74
N GLY D 46 -2.02 -5.15 2.03
CA GLY D 46 -3.44 -5.29 2.26
C GLY D 46 -4.29 -5.02 1.03
N MET D 47 -3.78 -5.32 -0.17
CA MET D 47 -4.60 -5.19 -1.37
C MET D 47 -5.76 -6.18 -1.32
N THR D 48 -6.89 -5.77 -1.89
CA THR D 48 -7.95 -6.71 -2.18
C THR D 48 -7.63 -7.42 -3.49
N VAL D 49 -7.57 -8.75 -3.45
CA VAL D 49 -7.33 -9.52 -4.66
C VAL D 49 -8.60 -10.27 -5.03
N THR D 50 -8.82 -10.43 -6.34
CA THR D 50 -9.92 -11.23 -6.86
C THR D 50 -9.34 -12.46 -7.54
N ILE D 51 -9.67 -13.63 -7.01
CA ILE D 51 -9.22 -14.91 -7.55
C ILE D 51 -10.29 -15.39 -8.53
N LYS D 52 -9.89 -15.69 -9.77
CA LYS D 52 -10.81 -16.17 -10.79
C LYS D 52 -10.38 -17.56 -11.21
N SER D 53 -11.32 -18.50 -11.26
CA SER D 53 -11.00 -19.87 -11.62
C SER D 53 -12.26 -20.63 -12.02
N SER D 54 -12.07 -21.74 -12.73
CA SER D 54 -13.20 -22.55 -13.16
C SER D 54 -13.82 -23.37 -12.04
N THR D 55 -13.11 -23.61 -10.93
CA THR D 55 -13.67 -24.20 -9.73
C THR D 55 -13.27 -23.34 -8.55
N CYS D 56 -14.17 -23.20 -7.58
CA CYS D 56 -13.94 -22.27 -6.48
C CYS D 56 -13.84 -22.94 -5.12
N GLU D 57 -13.93 -24.26 -5.05
CA GLU D 57 -13.68 -24.95 -3.79
C GLU D 57 -12.27 -24.67 -3.29
N SER D 58 -12.12 -24.64 -1.96
CA SER D 58 -10.79 -24.56 -1.38
C SER D 58 -9.91 -25.66 -1.92
N GLY D 59 -8.67 -25.32 -2.28
CA GLY D 59 -7.77 -26.27 -2.92
C GLY D 59 -7.76 -26.21 -4.43
N SER D 60 -8.54 -25.33 -5.03
CA SER D 60 -8.55 -25.12 -6.48
C SER D 60 -7.34 -24.31 -6.93
N GLY D 61 -6.99 -24.49 -8.18
CA GLY D 61 -5.93 -23.70 -8.77
C GLY D 61 -6.44 -22.48 -9.49
N PHE D 62 -5.55 -21.50 -9.67
CA PHE D 62 -5.90 -20.32 -10.46
C PHE D 62 -4.70 -19.84 -11.25
N ALA D 63 -5.00 -19.09 -12.31
CA ALA D 63 -3.99 -18.44 -13.12
C ALA D 63 -4.33 -17.01 -13.44
N GLU D 64 -5.44 -16.49 -12.92
CA GLU D 64 -5.92 -15.14 -13.17
C GLU D 64 -6.19 -14.49 -11.83
N VAL D 65 -5.72 -13.25 -11.64
CA VAL D 65 -5.96 -12.55 -10.38
C VAL D 65 -5.95 -11.06 -10.64
N GLN D 66 -6.85 -10.35 -9.98
CA GLN D 66 -6.90 -8.89 -10.03
C GLN D 66 -6.42 -8.29 -8.71
N PHE D 67 -5.67 -7.20 -8.81
CA PHE D 67 -5.08 -6.48 -7.69
C PHE D 67 -5.75 -5.12 -7.56
N ASN D 68 -6.57 -4.94 -6.53
CA ASN D 68 -7.29 -3.68 -6.34
C ASN D 68 -6.69 -2.88 -5.19
N ASN D 69 -6.89 -1.56 -5.26
CA ASN D 69 -6.51 -0.65 -4.19
C ASN D 69 -7.58 -0.55 -3.11
N ASP D 70 -8.83 -0.83 -3.46
CA ASP D 70 -9.92 -0.78 -2.48
C ASP D 70 -10.21 -2.19 -1.99
N ALA E 1 3.00 8.50 -28.94
CA ALA E 1 2.15 9.50 -28.32
C ALA E 1 1.77 9.07 -26.90
N ASP E 2 1.23 10.00 -26.12
CA ASP E 2 0.84 9.73 -24.74
C ASP E 2 -0.61 9.26 -24.72
N CYS E 3 -0.83 8.00 -24.37
CA CYS E 3 -2.17 7.43 -24.36
C CYS E 3 -2.93 7.74 -23.08
N ALA E 4 -2.26 7.70 -21.93
CA ALA E 4 -2.93 7.85 -20.65
C ALA E 4 -1.90 8.23 -19.61
N LYS E 5 -2.31 9.10 -18.68
CA LYS E 5 -1.43 9.54 -17.60
C LYS E 5 -2.23 9.54 -16.31
N GLY E 6 -1.68 8.94 -15.27
CA GLY E 6 -2.33 8.91 -13.98
C GLY E 6 -1.81 7.79 -13.13
N LYS E 7 -2.37 7.69 -11.93
CA LYS E 7 -2.07 6.56 -11.06
C LYS E 7 -2.77 5.31 -11.58
N ILE E 8 -2.26 4.14 -11.17
CA ILE E 8 -2.85 2.88 -11.61
C ILE E 8 -4.03 2.54 -10.70
N GLU E 9 -5.21 2.40 -11.29
CA GLU E 9 -6.43 2.13 -10.51
C GLU E 9 -6.52 0.68 -10.08
N PHE E 10 -6.23 -0.25 -10.98
CA PHE E 10 -6.07 -1.66 -10.62
C PHE E 10 -5.14 -2.29 -11.65
N SER E 11 -4.68 -3.49 -11.32
CA SER E 11 -3.93 -4.31 -12.26
C SER E 11 -4.49 -5.72 -12.22
N LYS E 12 -4.19 -6.50 -13.25
CA LYS E 12 -4.75 -7.84 -13.34
C LYS E 12 -3.88 -8.69 -14.25
N TYR E 13 -3.60 -9.91 -13.80
CA TYR E 13 -2.94 -10.89 -14.66
C TYR E 13 -4.00 -11.83 -15.22
N ASN E 14 -4.01 -11.98 -16.55
CA ASN E 14 -5.08 -12.70 -17.24
C ASN E 14 -4.61 -14.09 -17.65
N GLU E 15 -5.59 -14.99 -17.84
CA GLU E 15 -5.27 -16.39 -18.15
C GLU E 15 -4.49 -16.51 -19.46
N ASP E 16 -4.66 -15.54 -20.37
CA ASP E 16 -3.95 -15.50 -21.65
C ASP E 16 -2.54 -14.89 -21.54
N ASP E 17 -1.99 -14.81 -20.34
CA ASP E 17 -0.63 -14.31 -20.08
C ASP E 17 -0.45 -12.85 -20.51
N THR E 18 -1.48 -12.03 -20.31
CA THR E 18 -1.34 -10.59 -20.44
C THR E 18 -1.54 -9.94 -19.08
N PHE E 19 -1.00 -8.73 -18.93
CA PHE E 19 -1.09 -7.97 -17.69
C PHE E 19 -1.75 -6.63 -17.98
N THR E 20 -2.93 -6.41 -17.38
CA THR E 20 -3.73 -5.23 -17.61
C THR E 20 -3.51 -4.21 -16.50
N VAL E 21 -3.41 -2.94 -16.88
CA VAL E 21 -3.52 -1.85 -15.91
C VAL E 21 -4.62 -0.90 -16.37
N LYS E 22 -5.32 -0.33 -15.40
CA LYS E 22 -6.30 0.72 -15.68
C LYS E 22 -5.72 2.06 -15.27
N VAL E 23 -5.64 2.98 -16.23
CA VAL E 23 -5.03 4.30 -16.03
C VAL E 23 -5.98 5.34 -16.64
N ASP E 24 -6.41 6.29 -15.82
CA ASP E 24 -7.30 7.38 -16.25
C ASP E 24 -8.55 6.85 -16.96
N GLY E 25 -9.14 5.82 -16.37
CA GLY E 25 -10.39 5.30 -16.87
C GLY E 25 -10.30 4.37 -18.07
N LYS E 26 -9.10 4.05 -18.55
CA LYS E 26 -8.94 3.16 -19.70
C LYS E 26 -8.02 2.01 -19.35
N GLU E 27 -8.32 0.83 -19.90
CA GLU E 27 -7.54 -0.37 -19.66
C GLU E 27 -6.55 -0.59 -20.80
N TYR E 28 -5.32 -0.96 -20.43
CA TYR E 28 -4.26 -1.27 -21.36
C TYR E 28 -3.56 -2.52 -20.86
N TRP E 29 -2.95 -3.29 -21.78
CA TRP E 29 -2.33 -4.54 -21.39
C TRP E 29 -0.93 -4.67 -21.99
N THR E 30 -0.09 -5.44 -21.30
CA THR E 30 1.24 -5.75 -21.81
C THR E 30 1.53 -7.22 -21.54
N SER E 31 2.30 -7.83 -22.44
CA SER E 31 2.75 -9.20 -22.21
C SER E 31 4.22 -9.27 -21.79
N ARG E 32 4.85 -8.12 -21.52
CA ARG E 32 6.23 -8.13 -21.05
C ARG E 32 6.24 -8.41 -19.56
N TRP E 33 6.82 -9.57 -19.15
CA TRP E 33 6.90 -9.87 -17.72
C TRP E 33 7.77 -8.84 -16.99
N ASN E 34 8.77 -8.26 -17.67
CA ASN E 34 9.58 -7.22 -17.04
C ASN E 34 8.70 -6.13 -16.43
N LEU E 35 7.59 -5.81 -17.10
CA LEU E 35 6.74 -4.72 -16.66
C LEU E 35 5.82 -5.09 -15.51
N GLN E 36 5.65 -6.39 -15.19
CA GLN E 36 4.72 -6.71 -14.10
C GLN E 36 5.19 -6.19 -12.75
N PRO E 37 6.41 -6.46 -12.29
CA PRO E 37 6.82 -5.87 -11.01
C PRO E 37 6.93 -4.36 -11.07
N LEU E 38 7.35 -3.79 -12.21
CA LEU E 38 7.49 -2.35 -12.32
C LEU E 38 6.13 -1.67 -12.21
N LEU E 39 5.12 -2.20 -12.93
CA LEU E 39 3.79 -1.61 -12.85
C LEU E 39 3.16 -1.84 -11.48
N GLN E 40 3.24 -3.07 -10.94
CA GLN E 40 2.63 -3.27 -9.62
C GLN E 40 3.31 -2.40 -8.57
N SER E 41 4.64 -2.25 -8.62
CA SER E 41 5.30 -1.33 -7.69
C SER E 41 4.77 0.08 -7.88
N ALA E 42 4.61 0.50 -9.15
CA ALA E 42 4.05 1.82 -9.41
C ALA E 42 2.65 1.93 -8.82
N GLN E 43 1.87 0.85 -8.91
CA GLN E 43 0.52 0.88 -8.36
C GLN E 43 0.55 1.09 -6.85
N LEU E 44 1.41 0.33 -6.14
CA LEU E 44 1.27 0.33 -4.70
C LEU E 44 1.95 1.51 -4.05
N THR E 45 2.82 2.22 -4.78
CA THR E 45 3.48 3.42 -4.31
C THR E 45 2.85 4.69 -4.84
N GLY E 46 1.84 4.58 -5.69
CA GLY E 46 1.16 5.77 -6.18
C GLY E 46 1.95 6.58 -7.19
N MET E 47 2.82 5.94 -7.96
CA MET E 47 3.51 6.65 -9.03
C MET E 47 2.52 7.07 -10.11
N THR E 48 2.84 8.18 -10.78
CA THR E 48 2.13 8.56 -11.99
C THR E 48 2.79 7.86 -13.17
N VAL E 49 2.01 7.08 -13.93
CA VAL E 49 2.54 6.41 -15.11
C VAL E 49 1.97 7.08 -16.35
N THR E 50 2.78 7.11 -17.41
CA THR E 50 2.37 7.62 -18.71
C THR E 50 2.52 6.48 -19.72
N ILE E 51 1.40 5.94 -20.18
CA ILE E 51 1.42 4.89 -21.19
C ILE E 51 1.63 5.53 -22.55
N LYS E 52 2.60 5.01 -23.31
CA LYS E 52 2.96 5.57 -24.60
C LYS E 52 2.86 4.47 -25.64
N SER E 53 2.41 4.83 -26.84
CA SER E 53 2.25 3.84 -27.90
C SER E 53 2.37 4.51 -29.25
N SER E 54 2.65 3.69 -30.25
CA SER E 54 2.56 4.13 -31.64
C SER E 54 1.13 4.49 -31.99
N THR E 55 0.17 3.69 -31.51
CA THR E 55 -1.25 3.83 -31.85
C THR E 55 -2.03 3.66 -30.55
N CYS E 56 -2.29 4.79 -29.89
CA CYS E 56 -3.06 4.76 -28.66
C CYS E 56 -4.47 4.26 -28.92
N GLU E 57 -4.94 3.37 -28.05
CA GLU E 57 -6.26 2.77 -28.20
C GLU E 57 -6.64 2.03 -26.93
N SER E 58 -7.88 2.23 -26.45
CA SER E 58 -8.36 1.48 -25.31
C SER E 58 -8.32 -0.02 -25.61
N GLY E 59 -7.98 -0.82 -24.60
CA GLY E 59 -7.87 -2.25 -24.78
C GLY E 59 -6.72 -2.71 -25.65
N SER E 60 -5.76 -1.84 -25.96
CA SER E 60 -4.64 -2.17 -26.81
C SER E 60 -3.39 -2.45 -25.98
N GLY E 61 -2.43 -3.13 -26.62
CA GLY E 61 -1.18 -3.46 -25.96
C GLY E 61 -0.22 -2.29 -25.93
N PHE E 62 0.72 -2.36 -24.98
CA PHE E 62 1.76 -1.35 -24.85
C PHE E 62 3.04 -1.99 -24.35
N ALA E 63 4.17 -1.33 -24.62
CA ALA E 63 5.44 -1.71 -24.04
C ALA E 63 6.35 -0.50 -23.82
N GLU E 64 5.79 0.71 -23.78
CA GLU E 64 6.52 1.91 -23.41
C GLU E 64 5.72 2.63 -22.35
N VAL E 65 6.33 2.87 -21.19
CA VAL E 65 5.62 3.54 -20.10
C VAL E 65 6.62 4.30 -19.26
N GLN E 66 6.29 5.57 -18.99
CA GLN E 66 7.10 6.41 -18.13
C GLN E 66 6.58 6.35 -16.70
N PHE E 67 7.50 6.42 -15.74
CA PHE E 67 7.20 6.37 -14.31
C PHE E 67 7.70 7.65 -13.65
N ASN E 68 6.80 8.32 -12.91
CA ASN E 68 7.13 9.54 -12.16
C ASN E 68 6.60 9.40 -10.74
N ASN E 69 7.38 9.88 -9.77
CA ASN E 69 6.93 9.91 -8.38
C ASN E 69 5.72 10.83 -8.23
N ALA F 1 33.78 7.39 -17.30
CA ALA F 1 33.61 8.70 -16.70
C ALA F 1 32.25 8.82 -15.97
N ASP F 2 32.15 9.79 -15.06
CA ASP F 2 30.90 10.08 -14.35
C ASP F 2 30.08 11.04 -15.22
N CYS F 3 29.06 10.50 -15.88
CA CYS F 3 28.28 11.28 -16.83
C CYS F 3 27.29 12.20 -16.13
N ALA F 4 26.72 11.75 -15.02
CA ALA F 4 25.63 12.43 -14.37
C ALA F 4 25.49 11.90 -12.96
N LYS F 5 25.24 12.81 -12.01
CA LYS F 5 25.00 12.45 -10.61
C LYS F 5 23.80 13.20 -10.10
N GLY F 6 22.86 12.49 -9.50
CA GLY F 6 21.68 13.12 -8.96
C GLY F 6 20.56 12.11 -8.75
N LYS F 7 19.39 12.65 -8.42
CA LYS F 7 18.22 11.82 -8.26
C LYS F 7 17.56 11.55 -9.61
N ILE F 8 16.88 10.41 -9.69
CA ILE F 8 16.21 10.04 -10.93
C ILE F 8 14.95 10.89 -11.06
N GLU F 9 14.88 11.67 -12.16
CA GLU F 9 13.76 12.57 -12.42
C GLU F 9 12.58 11.83 -13.01
N PHE F 10 12.83 10.89 -13.93
CA PHE F 10 11.83 9.94 -14.36
C PHE F 10 12.56 8.69 -14.83
N SER F 11 11.81 7.59 -14.92
CA SER F 11 12.30 6.39 -15.58
C SER F 11 11.28 5.98 -16.64
N LYS F 12 11.72 5.13 -17.58
CA LYS F 12 10.83 4.77 -18.68
C LYS F 12 11.24 3.41 -19.24
N TYR F 13 10.26 2.52 -19.32
CA TYR F 13 10.43 1.25 -20.02
C TYR F 13 10.18 1.47 -21.50
N ASN F 14 11.07 0.95 -22.34
CA ASN F 14 11.03 1.22 -23.78
C ASN F 14 10.59 -0.03 -24.55
N GLU F 15 10.05 0.21 -25.75
CA GLU F 15 9.46 -0.88 -26.54
C GLU F 15 10.48 -1.93 -26.96
N ASP F 16 11.77 -1.60 -26.98
CA ASP F 16 12.81 -2.56 -27.26
C ASP F 16 13.34 -3.24 -26.00
N ASP F 17 12.63 -3.09 -24.88
CA ASP F 17 12.97 -3.66 -23.57
C ASP F 17 14.22 -3.05 -22.95
N THR F 18 14.67 -1.89 -23.45
CA THR F 18 15.65 -1.10 -22.72
C THR F 18 14.93 -0.20 -21.71
N PHE F 19 15.71 0.48 -20.89
CA PHE F 19 15.18 1.25 -19.77
C PHE F 19 15.92 2.58 -19.68
N THR F 20 15.16 3.68 -19.66
CA THR F 20 15.71 5.03 -19.65
C THR F 20 15.54 5.67 -18.28
N VAL F 21 16.55 6.43 -17.84
CA VAL F 21 16.41 7.29 -16.67
C VAL F 21 16.91 8.68 -17.03
N LYS F 22 16.35 9.68 -16.36
CA LYS F 22 16.81 11.06 -16.52
C LYS F 22 17.47 11.48 -15.22
N VAL F 23 18.72 11.88 -15.30
CA VAL F 23 19.52 12.23 -14.13
C VAL F 23 20.25 13.53 -14.44
N ASP F 24 20.10 14.52 -13.55
CA ASP F 24 20.71 15.84 -13.72
C ASP F 24 20.45 16.41 -15.11
N GLY F 25 19.21 16.26 -15.57
CA GLY F 25 18.77 16.85 -16.83
C GLY F 25 19.16 16.09 -18.08
N LYS F 26 19.78 14.92 -17.96
CA LYS F 26 20.23 14.16 -19.11
C LYS F 26 19.62 12.77 -19.07
N GLU F 27 19.33 12.22 -20.25
CA GLU F 27 18.72 10.91 -20.38
C GLU F 27 19.74 9.86 -20.80
N TYR F 28 19.64 8.68 -20.20
CA TYR F 28 20.53 7.57 -20.49
C TYR F 28 19.70 6.31 -20.48
N TRP F 29 20.07 5.33 -21.30
CA TRP F 29 19.32 4.09 -21.41
C TRP F 29 20.25 2.90 -21.19
N THR F 30 19.67 1.80 -20.69
CA THR F 30 20.44 0.59 -20.48
C THR F 30 19.69 -0.61 -21.00
N SER F 31 20.44 -1.55 -21.56
CA SER F 31 19.88 -2.83 -21.98
C SER F 31 20.03 -3.91 -20.93
N ARG F 32 20.58 -3.59 -19.76
CA ARG F 32 20.74 -4.58 -18.68
C ARG F 32 19.43 -4.66 -17.91
N TRP F 33 18.70 -5.77 -18.10
CA TRP F 33 17.37 -5.90 -17.51
C TRP F 33 17.44 -5.84 -15.98
N ASN F 34 18.53 -6.35 -15.38
CA ASN F 34 18.61 -6.38 -13.92
C ASN F 34 18.53 -4.99 -13.32
N LEU F 35 18.93 -3.97 -14.08
CA LEU F 35 18.89 -2.61 -13.57
C LEU F 35 17.48 -2.03 -13.47
N GLN F 36 16.48 -2.64 -14.12
CA GLN F 36 15.16 -2.00 -14.18
C GLN F 36 14.53 -1.86 -12.80
N PRO F 37 14.35 -2.92 -12.01
CA PRO F 37 13.74 -2.71 -10.68
C PRO F 37 14.69 -2.01 -9.73
N LEU F 38 16.01 -2.18 -9.89
CA LEU F 38 16.96 -1.49 -9.02
C LEU F 38 16.87 0.03 -9.22
N LEU F 39 16.81 0.46 -10.47
CA LEU F 39 16.65 1.89 -10.72
C LEU F 39 15.29 2.36 -10.21
N GLN F 40 14.25 1.53 -10.36
CA GLN F 40 12.95 1.95 -9.85
C GLN F 40 13.01 2.13 -8.35
N SER F 41 13.67 1.20 -7.64
CA SER F 41 13.76 1.34 -6.20
C SER F 41 14.51 2.62 -5.85
N ALA F 42 15.59 2.89 -6.59
CA ALA F 42 16.36 4.10 -6.35
C ALA F 42 15.50 5.33 -6.57
N GLN F 43 14.73 5.33 -7.65
CA GLN F 43 13.85 6.47 -7.93
C GLN F 43 12.82 6.64 -6.81
N LEU F 44 12.24 5.54 -6.34
CA LEU F 44 11.18 5.67 -5.35
C LEU F 44 11.71 6.25 -4.06
N THR F 45 12.99 5.97 -3.74
CA THR F 45 13.51 6.28 -2.41
C THR F 45 14.42 7.50 -2.41
N GLY F 46 14.61 8.13 -3.56
CA GLY F 46 15.47 9.30 -3.61
C GLY F 46 16.95 9.01 -3.45
N MET F 47 17.41 7.85 -3.90
CA MET F 47 18.85 7.62 -3.93
C MET F 47 19.53 8.59 -4.89
N THR F 48 20.76 8.95 -4.56
CA THR F 48 21.62 9.66 -5.51
C THR F 48 22.35 8.61 -6.34
N VAL F 49 22.13 8.64 -7.65
CA VAL F 49 22.77 7.69 -8.54
C VAL F 49 23.83 8.43 -9.36
N THR F 50 24.87 7.68 -9.74
CA THR F 50 25.92 8.19 -10.61
C THR F 50 25.95 7.31 -11.84
N ILE F 51 25.60 7.89 -12.99
CA ILE F 51 25.68 7.20 -14.27
C ILE F 51 27.12 7.21 -14.73
N LYS F 52 27.65 6.04 -15.13
CA LYS F 52 29.05 5.93 -15.55
C LYS F 52 29.13 5.28 -16.93
N SER F 53 29.91 5.89 -17.82
CA SER F 53 29.98 5.45 -19.22
C SER F 53 31.22 6.09 -19.86
N SER F 54 31.66 5.50 -20.97
CA SER F 54 32.71 6.12 -21.78
C SER F 54 32.16 7.15 -22.74
N THR F 55 30.85 7.19 -22.97
CA THR F 55 30.18 8.25 -23.71
C THR F 55 29.13 8.87 -22.80
N CYS F 56 29.19 10.18 -22.61
CA CYS F 56 28.32 10.84 -21.64
C CYS F 56 27.32 11.78 -22.30
N GLU F 57 27.15 11.72 -23.61
CA GLU F 57 26.14 12.53 -24.27
C GLU F 57 24.74 12.07 -23.89
N SER F 58 23.84 13.02 -23.71
CA SER F 58 22.44 12.68 -23.42
C SER F 58 21.87 11.82 -24.54
N GLY F 59 21.11 10.80 -24.15
CA GLY F 59 20.61 9.83 -25.11
C GLY F 59 21.50 8.63 -25.34
N SER F 60 22.66 8.59 -24.68
CA SER F 60 23.62 7.50 -24.82
C SER F 60 23.28 6.35 -23.88
N GLY F 61 24.01 5.24 -24.05
CA GLY F 61 23.78 4.07 -23.23
C GLY F 61 24.66 4.02 -21.99
N PHE F 62 24.29 3.16 -21.05
CA PHE F 62 25.12 2.91 -19.88
C PHE F 62 24.87 1.51 -19.35
N ALA F 63 25.87 0.96 -18.66
CA ALA F 63 25.73 -0.31 -17.95
C ALA F 63 26.49 -0.30 -16.63
N GLU F 64 26.84 0.87 -16.10
CA GLU F 64 27.49 0.99 -14.81
C GLU F 64 26.80 2.13 -14.08
N VAL F 65 26.37 1.88 -12.85
CA VAL F 65 25.68 2.92 -12.08
C VAL F 65 25.91 2.68 -10.61
N GLN F 66 26.30 3.74 -9.89
CA GLN F 66 26.50 3.69 -8.45
C GLN F 66 25.25 4.21 -7.77
N PHE F 67 24.91 3.59 -6.64
CA PHE F 67 23.74 3.96 -5.83
C PHE F 67 24.22 4.44 -4.46
N ASN F 68 23.85 5.67 -4.10
CA ASN F 68 24.20 6.23 -2.80
C ASN F 68 22.95 6.68 -2.05
N ASN F 69 22.98 6.52 -0.73
CA ASN F 69 21.97 7.13 0.13
C ASN F 69 22.39 8.55 0.48
N ASP F 70 21.52 9.26 1.20
CA ASP F 70 21.82 10.61 1.67
C ASP F 70 23.09 10.63 2.52
N ARG G 6 -10.12 -7.51 6.02
CA ARG G 6 -11.44 -6.88 5.98
C ARG G 6 -11.45 -5.62 5.13
N ARG G 7 -12.39 -5.53 4.20
CA ARG G 7 -12.44 -4.35 3.33
C ARG G 7 -13.06 -3.19 4.09
N ARG G 8 -12.75 -1.97 3.62
CA ARG G 8 -13.01 -0.77 4.40
C ARG G 8 -14.50 -0.59 4.71
N ARG G 9 -14.81 -0.36 5.98
CA ARG G 9 -16.16 -0.16 6.45
C ARG G 9 -16.48 1.34 6.53
N ALA G 10 -17.74 1.68 6.25
CA ALA G 10 -18.22 3.08 6.35
C ALA G 10 -18.88 3.33 7.71
N NH2 G 11 -19.42 2.28 8.30
N1 1PS H . 35.19 -7.17 -10.37
C1 1PS H . 34.62 -8.25 -11.06
C2 1PS H . 35.43 -9.31 -11.44
C3 1PS H . 36.56 -7.15 -10.09
C4 1PS H . 37.35 -8.22 -10.49
C5 1PS H . 36.79 -9.30 -11.17
C6 1PS H . 34.35 -6.01 -9.95
C7 1PS H . 34.54 -4.84 -10.92
C8 1PS H . 33.86 -5.16 -12.25
S1 1PS H . 34.20 -3.84 -13.47
O1 1PS H . 33.37 -4.10 -14.74
O2 1PS H . 35.68 -3.81 -13.83
O3 1PS H . 33.80 -2.50 -12.85
N1 1PS I . 23.02 -26.17 3.33
C1 1PS I . 22.78 -26.32 1.96
C2 1PS I . 22.65 -27.60 1.44
C3 1PS I . 23.10 -27.27 4.18
C4 1PS I . 22.95 -28.54 3.64
C5 1PS I . 22.72 -28.70 2.28
C6 1PS I . 23.17 -24.83 3.91
C7 1PS I . 24.64 -24.43 3.99
C8 1PS I . 25.12 -24.06 2.60
S1 1PS I . 26.89 -23.63 2.63
O1 1PS I . 27.32 -23.25 1.21
O2 1PS I . 27.71 -24.81 3.14
O3 1PS I . 27.06 -22.44 3.57
N1 1PS J . -1.39 -27.73 -5.54
C1 1PS J . -0.57 -27.58 -6.66
C2 1PS J . -0.85 -28.29 -7.83
C3 1PS J . -2.51 -28.58 -5.58
C4 1PS J . -2.78 -29.28 -6.76
C5 1PS J . -1.96 -29.13 -7.86
C6 1PS J . -1.09 -26.98 -4.28
C7 1PS J . -0.38 -27.87 -3.25
C8 1PS J . 1.01 -28.25 -3.75
S1 1PS J . 1.85 -29.29 -2.50
O1 1PS J . 1.16 -30.63 -2.38
O2 1PS J . 3.30 -29.48 -2.92
O3 1PS J . 1.80 -28.57 -1.14
N1 1PS K . 17.70 3.47 -26.80
C1 1PS K . 17.87 2.08 -26.93
C2 1PS K . 18.77 1.57 -27.85
C3 1PS K . 18.46 4.34 -27.60
C4 1PS K . 19.36 3.82 -28.52
C5 1PS K . 19.52 2.44 -28.64
C6 1PS K . 16.74 4.04 -25.83
C7 1PS K . 15.39 4.33 -26.50
C8 1PS K . 14.74 2.99 -26.87
S1 1PS K . 13.25 3.24 -27.90
O1 1PS K . 13.64 3.88 -29.24
O2 1PS K . 12.59 1.87 -28.15
O3 1PS K . 12.27 4.17 -27.15
#